data_3AE4
#
_entry.id   3AE4
#
_cell.length_a   71.562
_cell.length_b   84.222
_cell.length_c   294.217
_cell.angle_alpha   90.00
_cell.angle_beta   90.00
_cell.angle_gamma   90.00
#
_symmetry.space_group_name_H-M   'P 21 21 21'
#
loop_
_entity.id
_entity.type
_entity.pdbx_description
1 polymer 'Succinate dehydrogenase [ubiquinone] flavoprotein subunit, mitochondrial'
2 polymer 'Succinate dehydrogenase [ubiquinone] iron-sulfur subunit, mitochondrial'
3 polymer 'Succinate dehydrogenase cytochrome b560 subunit, mitochondrial'
4 polymer 'Succinate dehydrogenase [ubiquinone] cytochrome b small subunit, mitochondrial'
5 non-polymer 'FLAVIN-ADENINE DINUCLEOTIDE'
6 non-polymer 'MALONATE ION'
7 non-polymer 'FE2/S2 (INORGANIC) CLUSTER'
8 non-polymer 'IRON/SULFUR CLUSTER'
9 non-polymer 'FE3-S4 CLUSTER'
10 non-polymer 'PROTOPORPHYRIN IX CONTAINING FE'
11 non-polymer L-ALPHA-PHOSPHATIDYL-BETA-OLEOYL-GAMMA-PALMITOYL-PHOSPHATIDYLETHANOLAMINE
12 non-polymer 2-iodo-N-methylbenzamide
#
loop_
_entity_poly.entity_id
_entity_poly.type
_entity_poly.pdbx_seq_one_letter_code
_entity_poly.pdbx_strand_id
1 'polypeptide(L)'
;SSAKVSDAISTQYPVVDHEFDAVVVGAGGAGLRAAFGLSEAGFNTACVTKLFPTRSHTVAAQGGINAALGNMEEDNWRWH
FYDTVKGSDWLGDQDAIHYMTEQAPASVVELENYGMPFSRTEDGKIYQRAFGGQSLKFGKGGQAHRCCCVADRTGHSLLH
TLYGRSLRYDTSYFVEYFALDLLMENGECRGVIALCIEDGSIHRIRARNTVVATGGYGRTYFSCTSAHTSTGDGTAMVTR
AGLPCQDLEFVQFHPTGIYGAGCLITEGCRGEGGILINSQGERFMERYAPVAKDLASRDVVSRSMTLEIREGRGCGPEKD
HVYLQLHHLPPEQLAVRLPGISETAMIFAGVDVTKEPIPVLPTVHYNMGGIPTNYKGQVLRHVNGQDQVVPGLYACGEAA
CASVHGANRLGANSLLDLVVFGRACALSIAESCRPGDKVPSIKPNAGEESVMNLDKLRFANGTIRTSELRLSMQKSMQSH
AAVFRVGSVLQEGCEKILRLYGDLQHLKTFDRGMVWNTDLVETLELQNLMLCALQTIYGAEARKESRGAHAREDFKERVD
EYDYSKPIQGQQKKPFQEHWRKHTLSYVDVKTGKVSLEYRPVIDKTLNEADCATVPPAIRSY
;
A
2 'polypeptide(L)'
;AQTAAATAPRIKKFAIYRWDPDKTGDKPHMQTYEIDLNNCGPMVLDALIKIKNEIDSTLTFRRSCREGICGSCAMNINGG
NTLACTRRIDTNLDKVSKIYPLPHMYVIKDLVPDLSNFYAQYKSIEPYLKKKDESQEGKQQYLQSIEEREKLDGLYECIL
CACCSTSCPSYWWNGDKYLGPAVLMQAYRWMIDSRDDFTEERLAKLQDPFSLYRCHTIMNCTGTCPKGLNPGKAIAEIKK
MMATYKEKKASA
;
B
3 'polypeptide(L)'
;LGTTAKEEMERFWNKNLGSNRPLSPHITIYRWSLPMAMSICHRGTGIALSAGVSLFGLSALLLPGNFESHLELVKSLCLG
PTLIYTAKFGIVFPLMYHTWNGIRHLIWDLGKGLTIPQLTQSGVVVLILTVLSSVGLAAM
;
C
4 'polypeptide(L)'
;ASSKAASLHWTGERVVSVLLLGLLPAAYLNPCSAMDYSLAAALTLHGHWGIGQVVTDYVRGDALQKAAKAGLLALSAFTF
AGLCYFNYHDVGICKAVAMLWKL
;
D
#
loop_
_chem_comp.id
_chem_comp.type
_chem_comp.name
_chem_comp.formula
EPH non-polymer L-ALPHA-PHOSPHATIDYL-BETA-OLEOYL-GAMMA-PALMITOYL-PHOSPHATIDYLETHANOLAMINE 'C39 H68 N O8 P'
F3S non-polymer 'FE3-S4 CLUSTER' 'Fe3 S4'
FAD non-polymer 'FLAVIN-ADENINE DINUCLEOTIDE' 'C27 H33 N9 O15 P2'
FES non-polymer 'FE2/S2 (INORGANIC) CLUSTER' 'Fe2 S2'
HEM non-polymer 'PROTOPORPHYRIN IX CONTAINING FE' 'C34 H32 Fe N4 O4'
MLI non-polymer 'MALONATE ION' 'C3 H2 O4 -2'
N1M non-polymer 2-iodo-N-methylbenzamide 'C8 H8 I N O'
SF4 non-polymer 'IRON/SULFUR CLUSTER' 'Fe4 S4'
#
# COMPACT_ATOMS: atom_id res chain seq x y z
N SER A 10 -0.82 -16.26 -31.41
CA SER A 10 -0.94 -17.11 -32.62
C SER A 10 -0.59 -18.57 -32.29
N THR A 11 -1.61 -19.31 -31.83
CA THR A 11 -1.51 -20.76 -31.55
C THR A 11 -0.41 -21.16 -30.55
N GLN A 12 0.39 -20.17 -30.16
CA GLN A 12 1.38 -20.32 -29.09
C GLN A 12 0.72 -19.85 -27.80
N TYR A 13 -0.23 -18.92 -27.94
CA TYR A 13 -0.93 -18.32 -26.80
C TYR A 13 -2.31 -18.94 -26.61
N PRO A 14 -2.65 -19.30 -25.36
CA PRO A 14 -4.00 -19.77 -25.04
C PRO A 14 -4.94 -18.59 -24.83
N VAL A 15 -6.05 -18.57 -25.57
CA VAL A 15 -7.05 -17.51 -25.43
C VAL A 15 -8.23 -17.95 -24.55
N VAL A 16 -8.37 -17.32 -23.39
CA VAL A 16 -9.48 -17.63 -22.48
C VAL A 16 -10.58 -16.55 -22.62
N ASP A 17 -11.78 -16.97 -22.99
CA ASP A 17 -12.90 -16.05 -23.17
C ASP A 17 -13.79 -15.97 -21.93
N HIS A 18 -14.14 -14.74 -21.56
CA HIS A 18 -14.97 -14.47 -20.38
C HIS A 18 -16.23 -13.68 -20.75
N GLU A 19 -17.26 -13.79 -19.90
CA GLU A 19 -18.53 -13.11 -20.14
C GLU A 19 -19.03 -12.39 -18.89
N PHE A 20 -19.21 -11.07 -19.02
CA PHE A 20 -19.67 -10.22 -17.93
C PHE A 20 -20.68 -9.18 -18.43
N ASP A 21 -21.31 -8.48 -17.50
CA ASP A 21 -22.19 -7.36 -17.83
C ASP A 21 -21.40 -6.08 -18.03
N ALA A 22 -20.29 -5.97 -17.31
CA ALA A 22 -19.48 -4.75 -17.28
C ALA A 22 -18.02 -5.08 -16.94
N VAL A 23 -17.10 -4.36 -17.59
CA VAL A 23 -15.67 -4.44 -17.29
C VAL A 23 -15.20 -3.09 -16.77
N VAL A 24 -14.52 -3.09 -15.64
CA VAL A 24 -13.80 -1.90 -15.21
C VAL A 24 -12.31 -2.15 -15.32
N VAL A 25 -11.67 -1.47 -16.27
CA VAL A 25 -10.21 -1.46 -16.37
C VAL A 25 -9.65 -0.39 -15.44
N GLY A 26 -8.92 -0.83 -14.42
CA GLY A 26 -8.37 0.07 -13.42
C GLY A 26 -8.91 -0.22 -12.05
N ALA A 27 -8.04 -0.13 -11.05
CA ALA A 27 -8.48 -0.29 -9.66
C ALA A 27 -7.91 0.78 -8.71
N GLY A 28 -7.84 2.03 -9.19
CA GLY A 28 -7.55 3.16 -8.31
C GLY A 28 -8.77 3.48 -7.45
N GLY A 29 -8.90 4.75 -7.05
CA GLY A 29 -10.09 5.17 -6.34
C GLY A 29 -11.24 5.10 -7.32
N ALA A 30 -11.01 5.68 -8.49
CA ALA A 30 -11.95 5.66 -9.59
C ALA A 30 -12.43 4.24 -9.87
N GLY A 31 -11.48 3.38 -10.27
CA GLY A 31 -11.78 1.99 -10.63
C GLY A 31 -12.69 1.29 -9.66
N LEU A 32 -12.20 1.13 -8.43
CA LEU A 32 -12.94 0.50 -7.33
C LEU A 32 -14.39 1.01 -7.17
N ARG A 33 -14.54 2.32 -7.05
CA ARG A 33 -15.85 2.95 -6.83
C ARG A 33 -16.80 2.64 -7.97
N ALA A 34 -16.26 2.58 -9.18
CA ALA A 34 -17.03 2.21 -10.36
C ALA A 34 -17.30 0.70 -10.38
N ALA A 35 -16.31 -0.07 -9.92
CA ALA A 35 -16.39 -1.52 -9.95
C ALA A 35 -17.42 -2.08 -8.95
N PHE A 36 -17.43 -1.61 -7.71
CA PHE A 36 -18.45 -2.07 -6.76
C PHE A 36 -19.75 -1.27 -6.82
N GLY A 37 -19.70 -0.10 -7.47
CA GLY A 37 -20.91 0.64 -7.82
C GLY A 37 -21.80 -0.20 -8.72
N LEU A 38 -21.19 -0.87 -9.68
CA LEU A 38 -21.88 -1.72 -10.63
C LEU A 38 -22.43 -3.00 -9.98
N SER A 39 -21.74 -3.48 -8.96
CA SER A 39 -22.13 -4.70 -8.27
C SER A 39 -23.23 -4.46 -7.22
N GLU A 40 -23.14 -3.31 -6.53
CA GLU A 40 -24.20 -2.80 -5.65
C GLU A 40 -25.51 -2.74 -6.44
N ALA A 41 -25.41 -2.23 -7.67
CA ALA A 41 -26.56 -2.15 -8.58
C ALA A 41 -26.81 -3.48 -9.32
N GLY A 42 -26.19 -4.56 -8.84
CA GLY A 42 -26.50 -5.92 -9.28
C GLY A 42 -26.05 -6.32 -10.68
N PHE A 43 -24.95 -5.75 -11.15
CA PHE A 43 -24.34 -6.17 -12.41
C PHE A 43 -23.22 -7.18 -12.15
N ASN A 44 -23.15 -8.21 -12.99
CA ASN A 44 -22.02 -9.11 -12.98
C ASN A 44 -20.81 -8.38 -13.53
N THR A 45 -19.92 -7.97 -12.63
CA THR A 45 -18.87 -7.00 -12.94
C THR A 45 -17.47 -7.58 -12.74
N ALA A 46 -16.61 -7.37 -13.74
CA ALA A 46 -15.20 -7.68 -13.60
C ALA A 46 -14.36 -6.40 -13.48
N CYS A 47 -13.37 -6.43 -12.58
CA CYS A 47 -12.40 -5.36 -12.45
C CYS A 47 -11.02 -5.89 -12.83
N VAL A 48 -10.49 -5.38 -13.94
CA VAL A 48 -9.13 -5.72 -14.38
C VAL A 48 -8.13 -4.71 -13.81
N THR A 49 -7.01 -5.20 -13.29
CA THR A 49 -5.95 -4.33 -12.78
C THR A 49 -4.55 -4.96 -12.86
N LYS A 50 -3.60 -4.19 -13.38
CA LYS A 50 -2.21 -4.65 -13.55
C LYS A 50 -1.42 -4.70 -12.24
N LEU A 51 -1.98 -4.08 -11.20
CA LEU A 51 -1.43 -4.13 -9.85
C LEU A 51 -2.51 -4.62 -8.90
N PHE A 52 -2.12 -5.02 -7.69
CA PHE A 52 -3.08 -5.28 -6.61
C PHE A 52 -3.73 -3.96 -6.20
N PRO A 53 -5.07 -3.93 -6.08
CA PRO A 53 -5.81 -2.68 -5.85
C PRO A 53 -5.12 -1.70 -4.91
N THR A 54 -4.70 -2.18 -3.74
CA THR A 54 -4.04 -1.32 -2.75
C THR A 54 -2.73 -0.66 -3.22
N ARG A 55 -2.08 -1.26 -4.21
CA ARG A 55 -0.81 -0.74 -4.71
C ARG A 55 -0.99 0.40 -5.70
N SER A 56 -2.25 0.70 -6.05
CA SER A 56 -2.54 1.75 -7.04
C SER A 56 -2.02 3.09 -6.55
N HIS A 57 -2.13 4.13 -7.36
CA HIS A 57 -1.46 5.38 -7.07
C HIS A 57 -2.18 6.18 -6.01
N THR A 58 -3.49 6.17 -6.04
CA THR A 58 -4.24 6.98 -5.06
C THR A 58 -3.73 6.75 -3.64
N VAL A 59 -2.97 5.67 -3.45
CA VAL A 59 -2.33 5.36 -2.18
C VAL A 59 -1.37 6.46 -1.79
N ALA A 60 -0.65 6.98 -2.79
CA ALA A 60 0.32 8.05 -2.60
C ALA A 60 -0.33 9.38 -2.24
N ALA A 61 -1.65 9.46 -2.35
CA ALA A 61 -2.36 10.70 -2.11
C ALA A 61 -2.26 11.15 -0.66
N GLN A 62 -2.06 12.45 -0.49
CA GLN A 62 -1.67 13.03 0.79
C GLN A 62 -2.64 14.08 1.32
N GLY A 63 -2.83 15.16 0.55
CA GLY A 63 -3.50 16.38 1.03
C GLY A 63 -4.92 16.26 1.53
N GLY A 64 -5.83 15.89 0.63
CA GLY A 64 -7.22 15.65 0.99
C GLY A 64 -8.21 15.49 -0.14
N ILE A 65 -9.48 15.67 0.20
CA ILE A 65 -10.61 15.57 -0.71
C ILE A 65 -11.63 16.68 -0.41
N ASN A 66 -11.80 17.60 -1.35
CA ASN A 66 -12.66 18.78 -1.14
C ASN A 66 -14.15 18.46 -1.10
N ALA A 67 -14.79 18.85 -0.01
CA ALA A 67 -16.25 18.79 0.14
C ALA A 67 -16.73 19.94 1.02
N ALA A 68 -17.82 20.57 0.59
CA ALA A 68 -18.35 21.74 1.29
C ALA A 68 -19.23 21.33 2.45
N LEU A 69 -18.69 20.52 3.35
CA LEU A 69 -19.40 20.09 4.54
C LEU A 69 -19.61 21.24 5.56
N GLY A 70 -18.69 22.20 5.55
CA GLY A 70 -18.80 23.37 6.40
C GLY A 70 -18.64 23.12 7.88
N ASN A 71 -17.72 22.22 8.24
CA ASN A 71 -17.50 21.85 9.63
C ASN A 71 -16.60 22.84 10.39
N MET A 72 -15.97 23.74 9.64
CA MET A 72 -15.06 24.71 10.22
C MET A 72 -15.66 26.13 10.18
N GLU A 73 -16.37 26.41 9.10
CA GLU A 73 -17.20 27.63 8.99
C GLU A 73 -18.38 27.40 8.04
N GLU A 74 -19.25 28.41 7.95
CA GLU A 74 -20.31 28.43 6.93
C GLU A 74 -19.68 28.21 5.55
N ASP A 75 -20.22 27.24 4.82
CA ASP A 75 -19.73 26.92 3.48
C ASP A 75 -20.92 26.72 2.55
N ASN A 76 -20.65 26.73 1.25
CA ASN A 76 -21.65 26.44 0.23
C ASN A 76 -20.99 25.76 -0.96
N TRP A 77 -21.56 24.65 -1.41
CA TRP A 77 -20.98 23.89 -2.53
C TRP A 77 -20.87 24.75 -3.79
N ARG A 78 -21.71 25.77 -3.86
CA ARG A 78 -21.68 26.71 -4.97
C ARG A 78 -20.43 27.57 -4.94
N TRP A 79 -19.86 27.77 -3.75
CA TRP A 79 -18.60 28.50 -3.62
C TRP A 79 -17.43 27.63 -4.11
N HIS A 80 -17.51 26.34 -3.77
CA HIS A 80 -16.58 25.33 -4.27
C HIS A 80 -16.60 25.37 -5.80
N PHE A 81 -17.82 25.32 -6.35
CA PHE A 81 -18.02 25.42 -7.79
C PHE A 81 -17.22 26.57 -8.39
N TYR A 82 -17.47 27.80 -7.91
CA TYR A 82 -16.82 28.99 -8.45
C TYR A 82 -15.30 28.81 -8.52
N ASP A 83 -14.71 28.41 -7.40
CA ASP A 83 -13.26 28.27 -7.31
C ASP A 83 -12.74 27.30 -8.36
N THR A 84 -13.46 26.20 -8.57
CA THR A 84 -13.03 25.13 -9.47
C THR A 84 -13.04 25.56 -10.95
N VAL A 85 -14.09 26.26 -11.35
CA VAL A 85 -14.15 26.83 -12.70
C VAL A 85 -13.15 27.99 -12.86
N LYS A 86 -13.00 28.79 -11.80
CA LYS A 86 -11.97 29.83 -11.77
C LYS A 86 -10.58 29.20 -11.88
N GLY A 87 -10.39 28.05 -11.24
CA GLY A 87 -9.13 27.34 -11.30
C GLY A 87 -8.86 26.79 -12.69
N SER A 88 -9.91 26.31 -13.34
CA SER A 88 -9.80 25.63 -14.63
C SER A 88 -9.46 26.61 -15.76
N ASP A 89 -9.30 27.88 -15.40
CA ASP A 89 -9.01 28.95 -16.36
C ASP A 89 -9.98 28.94 -17.55
N TRP A 90 -11.25 28.70 -17.21
CA TRP A 90 -12.39 28.64 -18.13
C TRP A 90 -12.33 27.62 -19.28
N LEU A 91 -11.56 26.55 -19.09
CA LEU A 91 -11.52 25.45 -20.02
C LEU A 91 -12.27 24.25 -19.45
N GLY A 92 -12.63 24.35 -18.17
CA GLY A 92 -13.39 23.30 -17.50
C GLY A 92 -14.84 23.37 -17.90
N ASP A 93 -15.42 22.21 -18.19
CA ASP A 93 -16.81 22.12 -18.61
C ASP A 93 -17.72 22.25 -17.39
N GLN A 94 -18.39 23.39 -17.29
CA GLN A 94 -19.07 23.81 -16.07
C GLN A 94 -20.20 22.87 -15.64
N ASP A 95 -20.75 22.12 -16.60
CA ASP A 95 -21.80 21.14 -16.31
C ASP A 95 -21.28 19.95 -15.49
N ALA A 96 -20.01 19.61 -15.68
CA ALA A 96 -19.36 18.57 -14.91
C ALA A 96 -18.89 19.12 -13.56
N ILE A 97 -18.55 20.41 -13.53
CA ILE A 97 -18.10 21.09 -12.31
C ILE A 97 -19.26 21.36 -11.33
N HIS A 98 -20.45 21.65 -11.87
CA HIS A 98 -21.67 21.73 -11.07
C HIS A 98 -21.91 20.36 -10.44
N TYR A 99 -22.01 19.34 -11.29
CA TYR A 99 -22.33 17.98 -10.85
C TYR A 99 -21.42 17.49 -9.72
N MET A 100 -20.14 17.77 -9.85
CA MET A 100 -19.12 17.29 -8.92
C MET A 100 -19.17 17.98 -7.55
N THR A 101 -19.38 19.30 -7.53
CA THR A 101 -19.43 20.04 -6.27
C THR A 101 -20.78 19.84 -5.58
N GLU A 102 -21.85 19.80 -6.38
CA GLU A 102 -23.17 19.45 -5.87
C GLU A 102 -23.10 18.11 -5.13
N GLN A 103 -22.38 17.16 -5.70
CA GLN A 103 -22.30 15.79 -5.18
C GLN A 103 -21.31 15.59 -4.02
N ALA A 104 -20.33 16.50 -3.89
CA ALA A 104 -19.23 16.32 -2.94
C ALA A 104 -19.63 15.99 -1.49
N PRO A 105 -20.42 16.88 -0.83
CA PRO A 105 -20.78 16.59 0.57
C PRO A 105 -21.43 15.22 0.76
N ALA A 106 -22.20 14.77 -0.23
CA ALA A 106 -22.75 13.41 -0.21
C ALA A 106 -21.66 12.35 -0.40
N SER A 107 -20.81 12.51 -1.41
CA SER A 107 -19.78 11.52 -1.76
C SER A 107 -18.71 11.32 -0.70
N VAL A 108 -18.39 12.38 0.06
CA VAL A 108 -17.41 12.33 1.15
C VAL A 108 -17.99 11.66 2.41
N VAL A 109 -19.23 12.02 2.75
CA VAL A 109 -19.96 11.38 3.84
C VAL A 109 -20.09 9.86 3.62
N GLU A 110 -20.29 9.49 2.35
CA GLU A 110 -20.41 8.09 1.97
C GLU A 110 -19.14 7.30 2.31
N LEU A 111 -17.98 7.93 2.06
CA LEU A 111 -16.68 7.38 2.38
C LEU A 111 -16.44 7.27 3.88
N GLU A 112 -16.90 8.28 4.61
CA GLU A 112 -16.74 8.29 6.07
C GLU A 112 -17.63 7.24 6.70
N ASN A 113 -18.83 7.07 6.15
CA ASN A 113 -19.72 5.98 6.60
C ASN A 113 -19.21 4.60 6.18
N TYR A 114 -18.43 4.56 5.09
CA TYR A 114 -17.75 3.33 4.69
C TYR A 114 -16.69 2.93 5.73
N GLY A 115 -16.11 3.93 6.40
CA GLY A 115 -15.16 3.69 7.47
C GLY A 115 -13.81 4.37 7.32
N MET A 116 -13.76 5.40 6.48
CA MET A 116 -12.54 6.18 6.33
C MET A 116 -12.23 6.92 7.64
N PRO A 117 -11.02 6.71 8.18
CA PRO A 117 -10.67 7.28 9.47
C PRO A 117 -10.26 8.73 9.33
N PHE A 118 -11.21 9.58 8.97
CA PHE A 118 -10.95 11.02 8.85
C PHE A 118 -10.48 11.63 10.18
N SER A 119 -9.56 12.60 10.08
CA SER A 119 -9.15 13.38 11.26
C SER A 119 -10.34 14.19 11.77
N ARG A 120 -10.33 14.52 13.06
CA ARG A 120 -11.54 15.04 13.71
C ARG A 120 -11.40 16.44 14.33
N THR A 121 -12.54 17.12 14.42
CA THR A 121 -12.62 18.46 14.98
C THR A 121 -13.11 18.38 16.44
N GLU A 122 -13.12 19.53 17.11
CA GLU A 122 -13.55 19.62 18.51
C GLU A 122 -14.97 19.10 18.71
N ASP A 123 -15.78 19.18 17.65
CA ASP A 123 -17.18 18.71 17.67
C ASP A 123 -17.28 17.23 17.34
N GLY A 124 -16.28 16.70 16.65
CA GLY A 124 -16.26 15.29 16.25
C GLY A 124 -16.63 15.08 14.81
N LYS A 125 -16.66 16.18 14.05
CA LYS A 125 -16.94 16.14 12.62
C LYS A 125 -15.64 16.01 11.85
N ILE A 126 -15.74 15.77 10.54
CA ILE A 126 -14.58 15.61 9.68
C ILE A 126 -13.75 16.88 9.65
N TYR A 127 -12.45 16.74 9.87
CA TYR A 127 -11.55 17.87 9.85
C TYR A 127 -11.24 18.30 8.41
N GLN A 128 -11.46 19.58 8.13
CA GLN A 128 -11.17 20.18 6.83
C GLN A 128 -10.02 21.15 6.95
N ARG A 129 -9.22 21.23 5.88
CA ARG A 129 -8.01 22.02 5.87
C ARG A 129 -8.00 23.10 4.78
N ALA A 130 -7.25 24.17 5.00
CA ALA A 130 -7.03 25.20 3.98
C ALA A 130 -6.10 24.69 2.88
N PHE A 131 -6.49 24.90 1.63
CA PHE A 131 -5.77 24.37 0.50
C PHE A 131 -5.75 25.41 -0.60
N GLY A 132 -4.85 25.23 -1.56
CA GLY A 132 -4.60 26.23 -2.60
C GLY A 132 -5.75 26.62 -3.51
N GLY A 133 -6.06 27.90 -3.53
CA GLY A 133 -6.97 28.50 -4.52
C GLY A 133 -8.45 28.41 -4.21
N GLN A 134 -8.77 28.25 -2.93
CA GLN A 134 -10.16 28.08 -2.49
C GLN A 134 -10.63 29.19 -1.56
N SER A 135 -11.83 29.71 -1.85
CA SER A 135 -12.35 30.92 -1.21
C SER A 135 -13.84 30.85 -0.87
N LEU A 136 -14.25 31.69 0.06
CA LEU A 136 -15.65 31.82 0.43
C LEU A 136 -16.27 32.98 -0.35
N LYS A 137 -17.60 32.95 -0.47
CA LYS A 137 -18.38 34.05 -1.08
C LYS A 137 -17.91 34.41 -2.50
N PHE A 138 -17.79 33.38 -3.34
CA PHE A 138 -17.47 33.54 -4.77
C PHE A 138 -16.16 34.31 -5.06
N GLY A 139 -15.13 34.04 -4.27
CA GLY A 139 -13.80 34.63 -4.52
C GLY A 139 -13.55 35.95 -3.81
N LYS A 140 -14.54 36.45 -3.08
CA LYS A 140 -14.39 37.72 -2.38
C LYS A 140 -14.63 37.67 -0.86
N GLY A 141 -14.75 36.46 -0.32
CA GLY A 141 -14.97 36.27 1.12
C GLY A 141 -13.77 35.79 1.93
N GLY A 142 -12.67 35.49 1.26
CA GLY A 142 -11.44 35.05 1.94
C GLY A 142 -11.26 33.55 1.99
N GLN A 143 -10.06 33.12 2.39
CA GLN A 143 -9.64 31.71 2.35
C GLN A 143 -10.65 30.74 2.99
N ALA A 144 -10.99 29.69 2.22
CA ALA A 144 -11.95 28.66 2.61
C ALA A 144 -11.25 27.42 3.15
N HIS A 145 -11.99 26.64 3.94
CA HIS A 145 -11.44 25.45 4.59
C HIS A 145 -12.37 24.26 4.35
N ARG A 146 -12.14 23.56 3.25
CA ARG A 146 -12.97 22.42 2.87
C ARG A 146 -12.18 21.20 2.36
N CYS A 147 -10.90 21.12 2.71
CA CYS A 147 -10.07 19.97 2.34
C CYS A 147 -10.15 18.90 3.42
N CYS A 148 -11.05 17.94 3.24
CA CYS A 148 -11.22 16.82 4.18
C CYS A 148 -9.99 15.93 4.17
N CYS A 149 -9.56 15.51 5.35
CA CYS A 149 -8.28 14.83 5.45
C CYS A 149 -8.14 13.78 6.53
N VAL A 150 -7.44 12.70 6.17
CA VAL A 150 -6.93 11.72 7.10
C VAL A 150 -5.44 12.04 7.25
N ALA A 151 -5.14 12.98 8.14
CA ALA A 151 -3.78 13.43 8.40
C ALA A 151 -3.04 13.77 7.11
N ASP A 152 -1.91 13.13 6.89
CA ASP A 152 -1.05 13.36 5.74
C ASP A 152 -1.18 12.23 4.71
N ARG A 153 -2.18 11.37 4.90
CA ARG A 153 -2.27 10.11 4.19
C ARG A 153 -3.63 9.87 3.55
N THR A 154 -4.30 10.95 3.15
CA THR A 154 -5.72 10.91 2.79
C THR A 154 -6.09 9.90 1.72
N GLY A 155 -5.22 9.70 0.75
CA GLY A 155 -5.49 8.78 -0.35
C GLY A 155 -5.31 7.33 0.02
N HIS A 156 -4.29 7.06 0.82
CA HIS A 156 -4.04 5.75 1.38
C HIS A 156 -5.31 5.24 2.10
N SER A 157 -5.82 6.03 3.04
CA SER A 157 -7.07 5.71 3.75
C SER A 157 -8.26 5.59 2.81
N LEU A 158 -8.34 6.49 1.83
CA LEU A 158 -9.37 6.45 0.81
C LEU A 158 -9.37 5.10 0.10
N LEU A 159 -8.21 4.70 -0.41
CA LEU A 159 -8.10 3.48 -1.18
C LEU A 159 -8.40 2.21 -0.36
N HIS A 160 -7.92 2.16 0.87
CA HIS A 160 -8.04 0.97 1.70
C HIS A 160 -9.47 0.74 2.20
N THR A 161 -10.21 1.83 2.42
CA THR A 161 -11.59 1.66 2.86
C THR A 161 -12.47 1.34 1.67
N LEU A 162 -12.20 2.01 0.53
CA LEU A 162 -12.85 1.64 -0.73
C LEU A 162 -12.63 0.16 -1.02
N TYR A 163 -11.37 -0.27 -1.04
CA TYR A 163 -11.05 -1.68 -1.23
C TYR A 163 -11.70 -2.54 -0.15
N GLY A 164 -11.65 -2.08 1.10
CA GLY A 164 -12.36 -2.74 2.18
C GLY A 164 -13.78 -3.06 1.77
N ARG A 165 -14.48 -2.06 1.24
CA ARG A 165 -15.88 -2.22 0.85
C ARG A 165 -16.08 -3.12 -0.35
N SER A 166 -15.20 -2.98 -1.34
CA SER A 166 -15.26 -3.75 -2.57
C SER A 166 -15.40 -5.26 -2.31
N LEU A 167 -15.03 -5.67 -1.10
CA LEU A 167 -15.03 -7.06 -0.69
C LEU A 167 -16.43 -7.58 -0.33
N ARG A 168 -17.33 -6.69 0.03
CA ARG A 168 -18.72 -7.04 0.35
C ARG A 168 -19.52 -7.59 -0.85
N TYR A 169 -19.09 -7.25 -2.05
CA TYR A 169 -19.80 -7.64 -3.27
C TYR A 169 -19.08 -8.71 -4.08
N ASP A 170 -19.78 -9.26 -5.06
CA ASP A 170 -19.28 -10.40 -5.84
C ASP A 170 -18.49 -10.01 -7.09
N THR A 171 -17.94 -8.80 -7.11
CA THR A 171 -17.11 -8.34 -8.24
C THR A 171 -15.96 -9.32 -8.46
N SER A 172 -15.79 -9.76 -9.70
CA SER A 172 -14.71 -10.70 -10.03
C SER A 172 -13.48 -9.92 -10.47
N TYR A 173 -12.43 -9.96 -9.66
CA TYR A 173 -11.20 -9.21 -9.96
C TYR A 173 -10.18 -10.04 -10.70
N PHE A 174 -9.50 -9.37 -11.63
CA PHE A 174 -8.39 -9.98 -12.33
C PHE A 174 -7.15 -9.23 -11.87
N VAL A 175 -6.55 -9.73 -10.80
CA VAL A 175 -5.41 -9.08 -10.16
C VAL A 175 -4.16 -9.33 -10.97
N GLU A 176 -3.37 -8.27 -11.11
CA GLU A 176 -2.16 -8.28 -11.92
C GLU A 176 -2.43 -8.87 -13.31
N TYR A 177 -3.43 -8.30 -13.97
CA TYR A 177 -3.72 -8.49 -15.38
C TYR A 177 -3.46 -7.17 -16.12
N PHE A 178 -2.71 -7.24 -17.21
CA PHE A 178 -2.37 -6.06 -17.99
C PHE A 178 -3.24 -5.96 -19.23
N ALA A 179 -4.19 -5.01 -19.20
CA ALA A 179 -5.08 -4.76 -20.34
C ALA A 179 -4.27 -4.25 -21.52
N LEU A 180 -4.51 -4.83 -22.70
CA LEU A 180 -3.72 -4.51 -23.89
C LEU A 180 -4.41 -3.49 -24.79
N ASP A 181 -5.65 -3.80 -25.16
CA ASP A 181 -6.44 -2.97 -26.07
C ASP A 181 -7.94 -3.13 -25.79
N LEU A 182 -8.72 -2.18 -26.28
CA LEU A 182 -10.19 -2.27 -26.22
C LEU A 182 -10.71 -3.25 -27.26
N LEU A 183 -11.78 -3.97 -26.94
CA LEU A 183 -12.40 -4.86 -27.90
C LEU A 183 -13.42 -4.10 -28.74
N MET A 184 -12.94 -3.52 -29.84
CA MET A 184 -13.75 -2.63 -30.66
C MET A 184 -14.32 -3.34 -31.89
N GLU A 185 -15.62 -3.18 -32.09
CA GLU A 185 -16.29 -3.69 -33.29
C GLU A 185 -17.34 -2.71 -33.80
N ASN A 186 -17.04 -2.08 -34.95
CA ASN A 186 -17.91 -1.10 -35.59
C ASN A 186 -18.26 0.11 -34.71
N GLY A 187 -17.22 0.74 -34.17
CA GLY A 187 -17.38 1.95 -33.37
C GLY A 187 -18.06 1.73 -32.03
N GLU A 188 -18.21 0.48 -31.64
CA GLU A 188 -18.84 0.10 -30.36
C GLU A 188 -17.89 -0.79 -29.58
N CYS A 189 -17.82 -0.57 -28.26
CA CYS A 189 -16.88 -1.30 -27.41
C CYS A 189 -17.46 -2.50 -26.68
N ARG A 190 -16.77 -3.63 -26.87
CA ARG A 190 -17.28 -4.92 -26.42
C ARG A 190 -16.46 -5.55 -25.30
N GLY A 191 -15.48 -4.82 -24.78
CA GLY A 191 -14.66 -5.30 -23.67
C GLY A 191 -13.17 -5.06 -23.83
N VAL A 192 -12.36 -5.93 -23.23
CA VAL A 192 -10.89 -5.84 -23.38
C VAL A 192 -10.18 -7.18 -23.57
N ILE A 193 -9.09 -7.14 -24.33
CA ILE A 193 -8.13 -8.22 -24.39
C ILE A 193 -6.96 -7.87 -23.45
N ALA A 194 -6.60 -8.79 -22.58
CA ALA A 194 -5.61 -8.53 -21.53
C ALA A 194 -4.63 -9.68 -21.39
N LEU A 195 -3.45 -9.36 -20.84
CA LEU A 195 -2.43 -10.37 -20.54
C LEU A 195 -2.47 -10.75 -19.07
N CYS A 196 -2.47 -12.05 -18.81
CA CYS A 196 -2.31 -12.57 -17.45
C CYS A 196 -0.82 -12.65 -17.13
N ILE A 197 -0.34 -11.72 -16.31
CA ILE A 197 1.08 -11.63 -15.96
C ILE A 197 1.64 -12.93 -15.39
N GLU A 198 0.81 -13.63 -14.61
CA GLU A 198 1.24 -14.86 -13.93
C GLU A 198 1.62 -15.99 -14.90
N ASP A 199 0.65 -16.55 -15.62
CA ASP A 199 0.93 -17.68 -16.51
C ASP A 199 1.18 -17.28 -17.97
N GLY A 200 1.20 -15.97 -18.22
CA GLY A 200 1.53 -15.43 -19.54
C GLY A 200 0.45 -15.60 -20.60
N SER A 201 -0.77 -15.89 -20.16
CA SER A 201 -1.89 -16.19 -21.07
C SER A 201 -2.70 -14.94 -21.46
N ILE A 202 -3.58 -15.10 -22.44
CA ILE A 202 -4.33 -13.99 -23.03
C ILE A 202 -5.83 -14.15 -22.83
N HIS A 203 -6.46 -13.08 -22.32
CA HIS A 203 -7.86 -13.11 -21.91
C HIS A 203 -8.72 -12.04 -22.56
N ARG A 204 -9.73 -12.45 -23.31
CA ARG A 204 -10.74 -11.54 -23.83
C ARG A 204 -11.93 -11.56 -22.86
N ILE A 205 -12.23 -10.39 -22.31
CA ILE A 205 -13.30 -10.23 -21.34
C ILE A 205 -14.36 -9.33 -21.94
N ARG A 206 -15.43 -9.93 -22.46
CA ARG A 206 -16.47 -9.17 -23.16
C ARG A 206 -17.60 -8.69 -22.24
N ALA A 207 -18.11 -7.49 -22.51
CA ALA A 207 -19.21 -6.90 -21.74
C ALA A 207 -19.95 -5.80 -22.49
N ARG A 208 -21.18 -5.50 -22.06
CA ARG A 208 -22.02 -4.47 -22.67
C ARG A 208 -21.51 -3.06 -22.41
N ASN A 209 -20.69 -2.93 -21.37
CA ASN A 209 -20.11 -1.66 -20.99
C ASN A 209 -18.69 -1.84 -20.49
N THR A 210 -17.86 -0.81 -20.69
CA THR A 210 -16.44 -0.82 -20.35
C THR A 210 -16.02 0.51 -19.73
N VAL A 211 -15.55 0.46 -18.50
CA VAL A 211 -15.11 1.66 -17.80
C VAL A 211 -13.59 1.70 -17.73
N VAL A 212 -13.01 2.77 -18.27
CA VAL A 212 -11.56 2.97 -18.24
C VAL A 212 -11.20 3.88 -17.09
N ALA A 213 -10.44 3.36 -16.12
CA ALA A 213 -10.04 4.13 -14.95
C ALA A 213 -8.56 3.89 -14.61
N THR A 214 -7.72 4.05 -15.63
CA THR A 214 -6.31 3.66 -15.56
C THR A 214 -5.37 4.74 -15.02
N GLY A 215 -5.90 5.93 -14.74
CA GLY A 215 -5.09 7.02 -14.23
C GLY A 215 -4.17 7.58 -15.29
N GLY A 216 -3.45 8.65 -14.94
CA GLY A 216 -2.62 9.40 -15.88
C GLY A 216 -1.30 8.80 -16.29
N TYR A 217 -0.45 9.63 -16.88
CA TYR A 217 0.79 9.21 -17.54
C TYR A 217 2.00 10.03 -17.11
N GLY A 218 2.12 10.31 -15.81
CA GLY A 218 3.23 11.09 -15.27
C GLY A 218 4.60 10.62 -15.74
N ARG A 219 4.73 9.32 -16.01
CA ARG A 219 6.01 8.70 -16.40
C ARG A 219 6.53 9.07 -17.78
N THR A 220 5.83 9.94 -18.48
CA THR A 220 6.33 10.51 -19.73
C THR A 220 7.51 11.47 -19.50
N TYR A 221 7.71 11.87 -18.24
CA TYR A 221 8.76 12.82 -17.90
C TYR A 221 9.91 12.19 -17.10
N PHE A 222 11.02 12.93 -16.99
CA PHE A 222 12.18 12.46 -16.23
C PHE A 222 12.02 12.72 -14.73
N SER A 223 11.19 13.69 -14.38
CA SER A 223 10.99 14.09 -12.98
C SER A 223 9.51 14.20 -12.65
N CYS A 224 8.98 13.21 -11.92
CA CYS A 224 7.54 13.18 -11.62
C CYS A 224 7.18 12.55 -10.28
N THR A 225 6.24 13.17 -9.57
CA THR A 225 5.81 12.70 -8.24
C THR A 225 5.02 11.40 -8.33
N SER A 226 4.57 11.09 -9.54
CA SER A 226 3.77 9.89 -9.81
C SER A 226 4.60 8.61 -9.73
N ALA A 227 3.89 7.48 -9.68
CA ALA A 227 4.51 6.16 -9.54
C ALA A 227 5.06 5.64 -10.86
N HIS A 228 5.90 4.61 -10.79
CA HIS A 228 6.51 3.97 -11.96
C HIS A 228 5.48 3.41 -12.93
N THR A 229 4.33 3.05 -12.40
CA THR A 229 3.27 2.37 -13.16
C THR A 229 2.24 3.32 -13.79
N SER A 230 2.45 4.63 -13.60
CA SER A 230 1.62 5.66 -14.23
C SER A 230 2.04 5.88 -15.69
N THR A 231 1.60 4.98 -16.57
CA THR A 231 2.08 4.95 -17.95
C THR A 231 1.01 5.23 -19.01
N GLY A 232 -0.13 5.75 -18.60
CA GLY A 232 -1.22 6.14 -19.51
C GLY A 232 -1.72 5.03 -20.40
N ASP A 233 -1.89 3.84 -19.82
CA ASP A 233 -2.22 2.63 -20.57
C ASP A 233 -3.62 2.65 -21.19
N GLY A 234 -4.60 3.19 -20.46
CA GLY A 234 -5.95 3.38 -20.98
C GLY A 234 -6.01 4.45 -22.06
N THR A 235 -5.24 5.52 -21.85
CA THR A 235 -5.16 6.62 -22.79
C THR A 235 -4.66 6.10 -24.16
N ALA A 236 -3.72 5.18 -24.11
CA ALA A 236 -3.14 4.60 -25.32
C ALA A 236 -4.11 3.70 -26.08
N MET A 237 -4.92 2.94 -25.33
CA MET A 237 -5.91 2.04 -25.90
C MET A 237 -6.96 2.80 -26.71
N VAL A 238 -7.36 3.95 -26.20
CA VAL A 238 -8.33 4.81 -26.86
C VAL A 238 -7.67 5.46 -28.10
N THR A 239 -6.38 5.77 -27.98
CA THR A 239 -5.60 6.31 -29.08
C THR A 239 -5.50 5.30 -30.23
N ARG A 240 -5.25 4.04 -29.86
CA ARG A 240 -5.17 2.92 -30.81
C ARG A 240 -6.53 2.57 -31.40
N ALA A 241 -7.59 2.91 -30.68
CA ALA A 241 -8.95 2.69 -31.13
C ALA A 241 -9.34 3.69 -32.21
N GLY A 242 -8.60 4.79 -32.28
CA GLY A 242 -8.85 5.84 -33.27
C GLY A 242 -9.72 6.94 -32.69
N LEU A 243 -10.00 6.84 -31.40
CA LEU A 243 -10.79 7.83 -30.69
C LEU A 243 -9.89 8.93 -30.15
N PRO A 244 -10.43 10.16 -30.00
CA PRO A 244 -9.62 11.30 -29.62
C PRO A 244 -9.28 11.34 -28.13
N CYS A 245 -8.19 12.02 -27.81
CA CYS A 245 -7.89 12.43 -26.45
C CYS A 245 -7.92 13.94 -26.34
N GLN A 246 -8.24 14.44 -25.16
CA GLN A 246 -8.51 15.85 -24.95
C GLN A 246 -7.49 16.47 -24.02
N ASP A 247 -7.05 17.69 -24.37
CA ASP A 247 -6.25 18.56 -23.51
C ASP A 247 -5.00 17.89 -22.92
N LEU A 248 -4.37 17.02 -23.69
CA LEU A 248 -3.23 16.26 -23.19
C LEU A 248 -2.00 17.12 -22.90
N GLU A 249 -1.90 18.27 -23.56
CA GLU A 249 -0.79 19.20 -23.34
C GLU A 249 -0.83 19.84 -21.95
N PHE A 250 -2.01 19.80 -21.34
CA PHE A 250 -2.20 20.37 -20.02
C PHE A 250 -1.73 19.42 -18.93
N VAL A 251 -0.46 19.57 -18.57
CA VAL A 251 0.19 18.76 -17.54
C VAL A 251 0.45 19.65 -16.34
N GLN A 252 -0.08 19.26 -15.19
CA GLN A 252 0.12 20.03 -13.98
C GLN A 252 1.42 19.67 -13.30
N PHE A 253 2.16 20.71 -12.95
CA PHE A 253 3.34 20.59 -12.11
C PHE A 253 2.92 20.93 -10.70
N HIS A 254 3.15 20.02 -9.77
CA HIS A 254 3.03 20.36 -8.36
C HIS A 254 4.23 21.22 -7.96
N PRO A 255 3.97 22.33 -7.26
CA PRO A 255 5.02 23.22 -6.76
C PRO A 255 6.04 22.53 -5.85
N THR A 256 5.57 21.66 -4.96
CA THR A 256 6.42 21.08 -3.92
C THR A 256 6.69 19.58 -4.03
N GLY A 257 7.62 19.23 -4.93
CA GLY A 257 8.19 17.89 -4.99
C GLY A 257 9.64 17.94 -4.51
N ILE A 258 10.04 16.98 -3.67
CA ILE A 258 11.39 16.96 -3.10
C ILE A 258 12.49 16.94 -4.19
N TYR A 259 13.57 17.67 -3.92
CA TYR A 259 14.69 17.77 -4.84
C TYR A 259 15.27 16.41 -5.22
N GLY A 260 15.26 15.47 -4.28
CA GLY A 260 15.79 14.12 -4.49
C GLY A 260 14.97 13.25 -5.44
N ALA A 261 14.29 12.25 -4.91
CA ALA A 261 13.53 11.30 -5.73
C ALA A 261 12.24 11.90 -6.33
N GLY A 262 12.06 13.20 -6.15
CA GLY A 262 10.93 13.93 -6.70
C GLY A 262 9.58 13.58 -6.11
N CYS A 263 9.58 13.02 -4.91
CA CYS A 263 8.35 12.59 -4.23
C CYS A 263 7.51 13.79 -3.84
N LEU A 264 6.21 13.58 -3.73
CA LEU A 264 5.32 14.67 -3.40
C LEU A 264 5.32 15.03 -1.92
N ILE A 265 5.68 16.28 -1.63
CA ILE A 265 5.35 16.90 -0.35
C ILE A 265 4.02 17.65 -0.53
N THR A 266 3.07 17.36 0.36
CA THR A 266 1.68 17.79 0.21
C THR A 266 1.47 19.30 0.28
N GLU A 267 0.62 19.81 -0.61
CA GLU A 267 0.16 21.21 -0.60
C GLU A 267 -0.48 21.53 0.74
N GLY A 268 -0.88 20.48 1.46
CA GLY A 268 -1.40 20.60 2.81
C GLY A 268 -0.44 21.30 3.74
N CYS A 269 0.86 21.20 3.43
CA CYS A 269 1.92 21.92 4.15
C CYS A 269 1.71 23.43 4.04
N ARG A 270 1.45 23.88 2.82
CA ARG A 270 1.26 25.32 2.57
C ARG A 270 0.00 25.86 3.24
N GLY A 271 -1.07 25.07 3.21
CA GLY A 271 -2.32 25.42 3.89
C GLY A 271 -2.20 25.46 5.42
N GLU A 272 -1.44 24.53 5.97
CA GLU A 272 -1.23 24.46 7.42
C GLU A 272 -0.37 25.61 7.93
N GLY A 273 0.17 26.41 7.00
CA GLY A 273 0.95 27.59 7.34
C GLY A 273 2.37 27.59 6.79
N GLY A 274 2.69 26.59 5.97
CA GLY A 274 4.02 26.45 5.38
C GLY A 274 4.31 27.50 4.33
N ILE A 275 5.55 27.99 4.33
CA ILE A 275 5.96 29.11 3.48
C ILE A 275 7.10 28.72 2.53
N LEU A 276 7.03 29.24 1.31
CA LEU A 276 8.09 29.04 0.31
C LEU A 276 9.09 30.19 0.33
N ILE A 277 10.38 29.85 0.37
CA ILE A 277 11.48 30.82 0.54
C ILE A 277 12.58 30.68 -0.53
N ASN A 278 13.06 31.81 -1.05
CA ASN A 278 14.17 31.84 -2.01
C ASN A 278 15.56 31.84 -1.34
N SER A 279 16.61 32.05 -2.13
CA SER A 279 17.99 32.06 -1.59
C SER A 279 18.30 33.29 -0.74
N GLN A 280 17.53 34.37 -0.93
CA GLN A 280 17.76 35.62 -0.22
C GLN A 280 16.82 35.81 0.98
N GLY A 281 16.05 34.76 1.29
CA GLY A 281 15.19 34.74 2.48
C GLY A 281 13.77 35.23 2.28
N GLU A 282 13.50 35.83 1.12
CA GLU A 282 12.21 36.42 0.79
C GLU A 282 11.09 35.38 0.67
N ARG A 283 9.92 35.70 1.23
CA ARG A 283 8.71 34.92 0.98
C ARG A 283 8.20 35.30 -0.42
N PHE A 284 8.92 34.84 -1.45
CA PHE A 284 8.79 35.37 -2.81
C PHE A 284 7.37 35.46 -3.37
N MET A 285 6.47 34.60 -2.89
CA MET A 285 5.08 34.57 -3.36
C MET A 285 4.32 35.88 -3.08
N GLU A 286 4.78 36.65 -2.11
CA GLU A 286 4.15 37.91 -1.75
C GLU A 286 4.42 38.99 -2.82
N ARG A 287 5.55 38.86 -3.52
CA ARG A 287 5.89 39.69 -4.67
C ARG A 287 5.01 39.32 -5.87
N TYR A 288 4.72 38.03 -6.03
CA TYR A 288 3.94 37.51 -7.16
C TYR A 288 2.43 37.63 -6.96
N ALA A 289 1.86 36.76 -6.12
CA ALA A 289 0.44 36.79 -5.80
C ALA A 289 0.23 37.37 -4.40
N PRO A 290 -0.14 38.66 -4.31
CA PRO A 290 -0.21 39.34 -3.01
C PRO A 290 -1.36 38.87 -2.13
N VAL A 291 -2.52 38.60 -2.72
CA VAL A 291 -3.71 38.21 -1.96
C VAL A 291 -3.61 36.77 -1.44
N ALA A 292 -3.49 35.81 -2.35
CA ALA A 292 -3.52 34.39 -2.01
C ALA A 292 -2.16 33.83 -1.55
N LYS A 293 -1.09 34.57 -1.82
CA LYS A 293 0.28 34.20 -1.44
C LYS A 293 0.66 32.79 -1.91
N ASP A 294 1.43 32.07 -1.09
CA ASP A 294 1.87 30.72 -1.43
C ASP A 294 0.73 29.69 -1.41
N LEU A 295 -0.48 30.18 -1.16
CA LEU A 295 -1.68 29.34 -1.19
C LEU A 295 -2.52 29.61 -2.47
N ALA A 296 -1.84 30.11 -3.50
CA ALA A 296 -2.46 30.41 -4.79
C ALA A 296 -2.69 29.15 -5.63
N SER A 297 -2.87 29.34 -6.94
CA SER A 297 -3.07 28.25 -7.89
C SER A 297 -1.77 27.52 -8.16
N ARG A 298 -1.87 26.22 -8.44
CA ARG A 298 -0.70 25.38 -8.66
C ARG A 298 0.10 25.79 -9.90
N ASP A 299 -0.60 26.14 -10.96
CA ASP A 299 0.05 26.66 -12.17
C ASP A 299 0.81 27.96 -11.90
N VAL A 300 0.24 28.81 -11.04
CA VAL A 300 0.79 30.13 -10.70
C VAL A 300 1.97 30.03 -9.72
N VAL A 301 1.83 29.15 -8.72
CA VAL A 301 2.85 28.99 -7.69
C VAL A 301 4.16 28.46 -8.27
N SER A 302 4.08 27.34 -8.99
CA SER A 302 5.25 26.73 -9.64
C SER A 302 5.88 27.66 -10.69
N ARG A 303 5.03 28.36 -11.44
CA ARG A 303 5.46 29.38 -12.40
C ARG A 303 6.41 30.39 -11.75
N SER A 304 6.04 30.85 -10.54
CA SER A 304 6.84 31.78 -9.78
C SER A 304 8.13 31.15 -9.29
N MET A 305 8.03 29.90 -8.82
CA MET A 305 9.20 29.14 -8.36
C MET A 305 10.23 29.00 -9.49
N THR A 306 9.80 28.36 -10.58
CA THR A 306 10.63 28.09 -11.75
C THR A 306 11.33 29.36 -12.28
N LEU A 307 10.68 30.50 -12.04
CA LEU A 307 11.16 31.79 -12.51
C LEU A 307 12.25 32.38 -11.60
N GLU A 308 12.10 32.19 -10.29
CA GLU A 308 13.08 32.61 -9.29
C GLU A 308 14.44 31.97 -9.50
N ILE A 309 14.44 30.80 -10.12
CA ILE A 309 15.64 29.98 -10.29
C ILE A 309 16.52 30.51 -11.43
N ARG A 310 15.89 30.81 -12.57
CA ARG A 310 16.61 31.36 -13.72
C ARG A 310 17.10 32.78 -13.45
N GLU A 311 16.62 33.35 -12.34
CA GLU A 311 17.01 34.69 -11.90
C GLU A 311 18.17 34.67 -10.90
N GLY A 312 18.70 33.48 -10.64
CA GLY A 312 19.87 33.32 -9.78
C GLY A 312 19.55 33.06 -8.31
N ARG A 313 18.26 32.99 -7.98
CA ARG A 313 17.83 32.79 -6.59
C ARG A 313 17.57 31.32 -6.22
N GLY A 314 18.31 30.40 -6.83
CA GLY A 314 18.24 28.98 -6.48
C GLY A 314 18.87 28.71 -5.13
N CYS A 315 18.43 27.64 -4.47
CA CYS A 315 18.81 27.38 -3.07
C CYS A 315 19.95 26.39 -2.84
N GLY A 316 20.09 25.41 -3.74
CA GLY A 316 21.16 24.40 -3.62
C GLY A 316 22.55 24.88 -4.02
N PRO A 317 23.55 23.97 -4.02
CA PRO A 317 24.89 24.25 -4.53
C PRO A 317 24.87 24.43 -6.05
N GLU A 318 23.93 23.75 -6.71
CA GLU A 318 23.67 23.91 -8.13
C GLU A 318 22.70 25.07 -8.37
N LYS A 319 22.21 25.66 -7.28
CA LYS A 319 21.20 26.73 -7.31
C LYS A 319 20.04 26.40 -8.26
N ASP A 320 19.29 25.35 -7.91
CA ASP A 320 18.28 24.80 -8.80
C ASP A 320 16.96 24.44 -8.11
N HIS A 321 16.94 24.51 -6.78
CA HIS A 321 15.70 24.27 -6.03
C HIS A 321 15.29 25.46 -5.14
N VAL A 322 14.24 25.26 -4.35
CA VAL A 322 13.68 26.26 -3.46
C VAL A 322 13.35 25.59 -2.13
N TYR A 323 13.24 26.38 -1.05
CA TYR A 323 12.92 25.84 0.27
C TYR A 323 11.44 25.94 0.64
N LEU A 324 10.87 24.81 1.09
CA LEU A 324 9.58 24.79 1.75
C LEU A 324 9.84 24.71 3.25
N GLN A 325 9.44 25.75 3.97
CA GLN A 325 9.74 25.86 5.39
C GLN A 325 8.56 25.49 6.28
N LEU A 326 8.82 24.60 7.23
CA LEU A 326 7.85 24.26 8.27
C LEU A 326 8.42 24.57 9.65
N HIS A 327 9.71 24.87 9.70
CA HIS A 327 10.46 25.18 10.93
C HIS A 327 9.64 25.91 12.01
N HIS A 328 8.90 26.93 11.61
CA HIS A 328 8.23 27.85 12.54
C HIS A 328 6.96 27.29 13.20
N LEU A 329 6.27 26.38 12.50
CA LEU A 329 5.04 25.77 13.03
C LEU A 329 5.32 24.88 14.24
N PRO A 330 4.37 24.86 15.21
CA PRO A 330 4.53 24.06 16.42
C PRO A 330 4.62 22.57 16.12
N PRO A 331 5.57 21.85 16.76
CA PRO A 331 5.86 20.44 16.48
C PRO A 331 4.63 19.52 16.51
N GLU A 332 3.70 19.77 17.43
CA GLU A 332 2.47 18.96 17.54
C GLU A 332 1.60 19.08 16.28
N GLN A 333 1.66 20.24 15.63
CA GLN A 333 0.96 20.48 14.37
C GLN A 333 1.52 19.63 13.25
N LEU A 334 2.84 19.50 13.20
CA LEU A 334 3.49 18.62 12.23
C LEU A 334 3.20 17.15 12.57
N ALA A 335 3.12 16.85 13.86
CA ALA A 335 2.86 15.49 14.35
C ALA A 335 1.47 14.97 13.98
N VAL A 336 0.45 15.80 14.20
CA VAL A 336 -0.94 15.39 13.95
C VAL A 336 -1.31 15.61 12.49
N ARG A 337 -0.90 16.77 11.94
CA ARG A 337 -1.31 17.18 10.59
C ARG A 337 -0.46 16.58 9.48
N LEU A 338 0.87 16.64 9.63
CA LEU A 338 1.79 16.25 8.56
C LEU A 338 2.85 15.20 8.92
N PRO A 339 2.44 14.07 9.54
CA PRO A 339 3.46 13.07 9.90
C PRO A 339 4.03 12.30 8.70
N GLY A 340 3.19 12.12 7.67
CA GLY A 340 3.54 11.37 6.48
C GLY A 340 4.69 11.95 5.67
N ILE A 341 4.71 13.27 5.53
CA ILE A 341 5.80 13.93 4.82
C ILE A 341 7.00 14.06 5.74
N SER A 342 6.76 14.17 7.05
CA SER A 342 7.83 14.32 8.04
C SER A 342 8.78 13.14 7.98
N GLU A 343 8.24 11.95 7.69
CA GLU A 343 9.05 10.75 7.52
C GLU A 343 9.78 10.73 6.18
N THR A 344 9.07 11.03 5.10
CA THR A 344 9.65 10.95 3.74
C THR A 344 10.63 12.09 3.48
N ALA A 345 10.48 13.19 4.22
CA ALA A 345 11.43 14.28 4.21
C ALA A 345 12.74 13.82 4.83
N MET A 346 12.64 13.01 5.88
CA MET A 346 13.81 12.45 6.55
C MET A 346 14.43 11.31 5.74
N ILE A 347 13.58 10.49 5.12
CA ILE A 347 14.03 9.33 4.35
C ILE A 347 14.85 9.74 3.10
N PHE A 348 14.36 10.70 2.35
CA PHE A 348 14.97 11.08 1.07
C PHE A 348 15.88 12.32 1.13
N ALA A 349 15.45 13.34 1.86
CA ALA A 349 16.21 14.58 1.96
C ALA A 349 17.02 14.67 3.25
N GLY A 350 16.80 13.74 4.17
CA GLY A 350 17.51 13.72 5.44
C GLY A 350 17.20 14.92 6.31
N VAL A 351 15.98 15.43 6.20
CA VAL A 351 15.59 16.67 6.87
C VAL A 351 14.63 16.42 8.03
N ASP A 352 14.93 17.07 9.16
CA ASP A 352 13.98 17.15 10.26
C ASP A 352 13.14 18.41 10.10
N VAL A 353 11.97 18.24 9.51
CA VAL A 353 11.04 19.34 9.24
C VAL A 353 10.90 20.30 10.41
N THR A 354 11.02 19.75 11.63
CA THR A 354 10.88 20.50 12.87
C THR A 354 12.06 21.48 13.09
N LYS A 355 13.12 21.29 12.30
CA LYS A 355 14.35 22.05 12.44
C LYS A 355 14.76 22.76 11.13
N GLU A 356 14.67 22.04 10.01
CA GLU A 356 15.12 22.58 8.71
C GLU A 356 14.01 22.62 7.64
N PRO A 357 14.16 23.50 6.63
CA PRO A 357 13.23 23.56 5.49
C PRO A 357 13.56 22.57 4.37
N ILE A 358 12.53 22.04 3.70
CA ILE A 358 12.67 21.05 2.63
C ILE A 358 13.09 21.66 1.28
N PRO A 359 14.09 21.06 0.60
CA PRO A 359 14.36 21.45 -0.79
C PRO A 359 13.27 20.93 -1.73
N VAL A 360 12.45 21.85 -2.23
CA VAL A 360 11.34 21.50 -3.14
C VAL A 360 11.52 22.12 -4.52
N LEU A 361 10.78 21.57 -5.49
CA LEU A 361 10.90 21.97 -6.88
C LEU A 361 9.63 21.59 -7.65
N PRO A 362 9.17 22.47 -8.56
CA PRO A 362 8.08 22.14 -9.47
C PRO A 362 8.38 20.85 -10.23
N THR A 363 7.48 19.87 -10.11
CA THR A 363 7.63 18.58 -10.78
C THR A 363 6.29 18.05 -11.29
N VAL A 364 6.34 17.34 -12.43
CA VAL A 364 5.15 16.81 -13.11
C VAL A 364 4.34 15.95 -12.15
N HIS A 365 3.02 16.15 -12.17
CA HIS A 365 2.17 15.64 -11.10
C HIS A 365 0.88 14.97 -11.61
N TYR A 366 0.03 15.75 -12.29
CA TYR A 366 -1.32 15.34 -12.63
C TYR A 366 -1.67 15.64 -14.10
N ASN A 367 -2.51 14.78 -14.69
CA ASN A 367 -2.95 14.95 -16.07
C ASN A 367 -4.42 15.33 -16.17
N MET A 368 -4.70 16.63 -16.31
CA MET A 368 -6.08 17.09 -16.46
C MET A 368 -6.71 16.58 -17.76
N GLY A 369 -5.92 16.57 -18.83
CA GLY A 369 -6.33 15.95 -20.08
C GLY A 369 -6.48 14.45 -19.95
N GLY A 370 -7.13 13.83 -20.94
CA GLY A 370 -7.38 12.39 -20.94
C GLY A 370 -8.42 11.97 -21.95
N ILE A 371 -9.45 11.26 -21.48
CA ILE A 371 -10.49 10.71 -22.35
C ILE A 371 -11.80 11.53 -22.26
N PRO A 372 -12.23 12.13 -23.39
CA PRO A 372 -13.46 12.93 -23.46
C PRO A 372 -14.65 12.27 -22.77
N THR A 373 -15.35 13.04 -21.94
CA THR A 373 -16.38 12.47 -21.10
C THR A 373 -17.56 13.40 -20.86
N ASN A 374 -18.75 12.81 -20.84
CA ASN A 374 -19.97 13.42 -20.33
C ASN A 374 -19.84 13.81 -18.87
N TYR A 375 -20.71 14.71 -18.40
CA TYR A 375 -20.86 14.90 -16.97
C TYR A 375 -21.32 13.58 -16.34
N LYS A 376 -21.94 12.73 -17.15
CA LYS A 376 -22.41 11.41 -16.73
C LYS A 376 -21.30 10.37 -16.73
N GLY A 377 -20.38 10.45 -17.68
CA GLY A 377 -19.25 9.52 -17.71
C GLY A 377 -18.95 8.88 -19.05
N GLN A 378 -19.83 9.10 -20.03
CA GLN A 378 -19.76 8.45 -21.34
C GLN A 378 -18.65 9.00 -22.21
N VAL A 379 -17.90 8.11 -22.86
CA VAL A 379 -16.78 8.53 -23.71
C VAL A 379 -17.26 9.11 -25.03
N LEU A 380 -16.69 10.26 -25.39
CA LEU A 380 -17.10 10.98 -26.59
C LEU A 380 -16.12 10.82 -27.74
N ARG A 381 -16.66 10.75 -28.94
CA ARG A 381 -15.86 10.92 -30.15
C ARG A 381 -16.23 12.26 -30.78
N HIS A 382 -15.49 12.68 -31.81
CA HIS A 382 -15.77 13.95 -32.47
C HIS A 382 -16.21 13.75 -33.91
N VAL A 383 -17.48 14.03 -34.16
CA VAL A 383 -18.10 13.80 -35.47
C VAL A 383 -18.77 15.06 -35.98
N ASN A 384 -18.35 15.49 -37.18
CA ASN A 384 -18.95 16.65 -37.85
C ASN A 384 -18.93 17.92 -36.98
N GLY A 385 -17.85 18.10 -36.23
CA GLY A 385 -17.73 19.22 -35.28
C GLY A 385 -18.58 19.07 -34.04
N GLN A 386 -19.23 17.92 -33.90
CA GLN A 386 -20.22 17.70 -32.83
C GLN A 386 -19.89 16.51 -31.91
N ASP A 387 -20.38 16.59 -30.68
CA ASP A 387 -20.18 15.54 -29.69
C ASP A 387 -21.07 14.34 -29.93
N GLN A 388 -20.47 13.15 -29.81
CA GLN A 388 -21.17 11.87 -30.04
C GLN A 388 -20.71 10.78 -29.07
N VAL A 389 -21.66 10.08 -28.47
CA VAL A 389 -21.35 9.06 -27.48
C VAL A 389 -20.87 7.78 -28.14
N VAL A 390 -19.75 7.25 -27.64
CA VAL A 390 -19.23 5.95 -28.03
C VAL A 390 -19.99 4.88 -27.24
N PRO A 391 -20.71 3.98 -27.95
CA PRO A 391 -21.46 2.90 -27.30
C PRO A 391 -20.57 1.95 -26.50
N GLY A 392 -20.96 1.70 -25.25
CA GLY A 392 -20.27 0.75 -24.37
C GLY A 392 -19.00 1.24 -23.69
N LEU A 393 -18.65 2.52 -23.88
CA LEU A 393 -17.39 3.03 -23.34
C LEU A 393 -17.58 4.15 -22.31
N TYR A 394 -16.96 3.96 -21.15
CA TYR A 394 -16.95 4.98 -20.10
C TYR A 394 -15.51 5.22 -19.64
N ALA A 395 -15.27 6.35 -18.98
CA ALA A 395 -13.96 6.69 -18.41
C ALA A 395 -14.08 7.67 -17.25
N CYS A 396 -13.42 7.39 -16.13
CA CYS A 396 -13.47 8.26 -14.96
C CYS A 396 -12.12 8.38 -14.22
N GLY A 397 -11.93 9.51 -13.52
CA GLY A 397 -10.68 9.75 -12.82
C GLY A 397 -9.63 10.42 -13.69
N GLU A 398 -8.36 10.27 -13.32
CA GLU A 398 -7.25 10.96 -13.96
C GLU A 398 -7.10 10.60 -15.46
N ALA A 399 -7.48 9.37 -15.79
CA ALA A 399 -7.41 8.87 -17.17
C ALA A 399 -8.42 9.58 -18.06
N ALA A 400 -9.48 10.08 -17.44
CA ALA A 400 -10.56 10.72 -18.16
C ALA A 400 -10.32 12.19 -18.44
N CYS A 401 -11.32 12.81 -19.05
CA CYS A 401 -11.40 14.25 -19.22
C CYS A 401 -12.87 14.61 -19.48
N ALA A 402 -13.66 14.64 -18.40
CA ALA A 402 -14.96 15.31 -18.40
C ALA A 402 -14.62 16.79 -18.36
N SER A 403 -13.31 17.03 -18.25
CA SER A 403 -12.68 18.32 -17.97
C SER A 403 -13.42 19.06 -16.88
N VAL A 404 -13.32 18.52 -15.69
CA VAL A 404 -13.81 19.18 -14.49
C VAL A 404 -12.69 20.07 -13.93
N HIS A 405 -11.46 19.85 -14.41
CA HIS A 405 -10.28 20.59 -13.98
C HIS A 405 -9.75 21.56 -15.04
N GLY A 406 -10.19 21.39 -16.28
CA GLY A 406 -9.81 22.29 -17.38
C GLY A 406 -8.32 22.49 -17.56
N ALA A 407 -7.89 23.75 -17.48
CA ALA A 407 -6.50 24.16 -17.70
C ALA A 407 -5.59 23.99 -16.48
N ASN A 408 -6.19 23.95 -15.29
CA ASN A 408 -5.45 23.71 -14.05
C ASN A 408 -6.32 23.09 -12.97
N ARG A 409 -5.85 22.01 -12.34
CA ARG A 409 -6.59 21.38 -11.26
C ARG A 409 -6.40 22.08 -9.94
N LEU A 410 -7.45 22.09 -9.12
CA LEU A 410 -7.38 22.54 -7.74
C LEU A 410 -6.93 21.42 -6.81
N GLY A 411 -6.28 21.81 -5.71
CA GLY A 411 -5.83 20.85 -4.71
C GLY A 411 -6.99 20.09 -4.07
N ALA A 412 -6.79 18.80 -3.86
CA ALA A 412 -7.82 17.93 -3.27
C ALA A 412 -9.06 17.71 -4.15
N ASN A 413 -8.94 18.03 -5.45
CA ASN A 413 -10.07 17.88 -6.35
C ASN A 413 -10.08 16.60 -7.19
N SER A 414 -8.92 16.02 -7.46
CA SER A 414 -8.89 14.75 -8.20
C SER A 414 -9.44 13.58 -7.39
N LEU A 415 -9.15 13.54 -6.09
CA LEU A 415 -9.68 12.49 -5.23
C LEU A 415 -11.21 12.49 -5.23
N LEU A 416 -11.79 13.69 -5.22
CA LEU A 416 -13.22 13.88 -5.44
C LEU A 416 -13.59 13.31 -6.81
N ASP A 417 -13.03 13.92 -7.86
CA ASP A 417 -13.17 13.46 -9.24
C ASP A 417 -13.33 11.94 -9.29
N LEU A 418 -12.38 11.24 -8.66
CA LEU A 418 -12.35 9.78 -8.62
C LEU A 418 -13.66 9.18 -8.13
N VAL A 419 -13.96 9.48 -6.87
CA VAL A 419 -15.07 8.91 -6.12
C VAL A 419 -16.44 9.37 -6.68
N VAL A 420 -16.46 10.56 -7.26
CA VAL A 420 -17.70 11.14 -7.77
C VAL A 420 -18.09 10.52 -9.11
N PHE A 421 -17.13 10.42 -10.02
CA PHE A 421 -17.40 9.95 -11.38
C PHE A 421 -17.38 8.44 -11.50
N GLY A 422 -16.50 7.80 -10.75
CA GLY A 422 -16.56 6.34 -10.62
C GLY A 422 -18.01 5.96 -10.38
N ARG A 423 -18.61 6.63 -9.39
CA ARG A 423 -20.02 6.49 -9.04
C ARG A 423 -20.94 6.83 -10.21
N ALA A 424 -20.69 7.97 -10.85
CA ALA A 424 -21.51 8.42 -11.98
C ALA A 424 -21.53 7.37 -13.11
N CYS A 425 -20.35 6.91 -13.52
CA CYS A 425 -20.22 5.83 -14.50
C CYS A 425 -21.18 4.68 -14.19
N ALA A 426 -21.28 4.34 -12.90
CA ALA A 426 -22.06 3.20 -12.43
C ALA A 426 -23.58 3.42 -12.47
N LEU A 427 -24.00 4.62 -12.09
CA LEU A 427 -25.41 5.01 -12.21
C LEU A 427 -25.79 5.15 -13.66
N SER A 428 -24.90 5.76 -14.45
CA SER A 428 -25.15 6.01 -15.89
C SER A 428 -25.29 4.74 -16.69
N ILE A 429 -24.57 3.69 -16.29
CA ILE A 429 -24.78 2.34 -16.84
C ILE A 429 -26.10 1.73 -16.31
N ALA A 430 -26.34 1.85 -15.01
CA ALA A 430 -27.54 1.31 -14.35
C ALA A 430 -28.83 1.90 -14.89
N GLU A 431 -28.80 3.20 -15.20
CA GLU A 431 -29.96 3.91 -15.73
C GLU A 431 -30.21 3.60 -17.20
N SER A 432 -29.14 3.34 -17.96
CA SER A 432 -29.27 3.08 -19.40
C SER A 432 -29.73 1.67 -19.75
N CYS A 433 -29.26 0.66 -19.01
CA CYS A 433 -29.59 -0.74 -19.29
C CYS A 433 -29.81 -1.58 -18.03
N ARG A 434 -30.11 -2.87 -18.23
CA ARG A 434 -30.33 -3.81 -17.12
C ARG A 434 -29.32 -4.95 -17.18
N PRO A 435 -28.98 -5.56 -16.02
CA PRO A 435 -28.09 -6.73 -16.06
C PRO A 435 -28.79 -7.94 -16.64
N GLY A 436 -28.03 -8.82 -17.29
CA GLY A 436 -28.61 -9.98 -17.95
C GLY A 436 -29.03 -9.67 -19.37
N ASP A 437 -28.83 -8.41 -19.78
CA ASP A 437 -29.08 -7.99 -21.15
C ASP A 437 -28.04 -8.59 -22.09
N LYS A 438 -28.45 -8.80 -23.34
CA LYS A 438 -27.58 -9.42 -24.35
C LYS A 438 -26.18 -8.84 -24.33
N VAL A 439 -25.22 -9.68 -23.97
CA VAL A 439 -23.81 -9.33 -24.03
C VAL A 439 -23.37 -9.49 -25.48
N PRO A 440 -22.94 -8.39 -26.12
CA PRO A 440 -22.70 -8.40 -27.57
C PRO A 440 -21.53 -9.30 -27.97
N SER A 441 -21.79 -10.22 -28.90
CA SER A 441 -20.79 -11.23 -29.27
C SER A 441 -19.69 -10.67 -30.18
N ILE A 442 -18.50 -11.27 -30.04
CA ILE A 442 -17.27 -10.78 -30.66
C ILE A 442 -16.75 -11.76 -31.72
N LYS A 443 -16.09 -11.24 -32.76
CA LYS A 443 -15.51 -12.04 -33.85
C LYS A 443 -14.57 -13.12 -33.32
N PRO A 444 -14.50 -14.27 -34.02
CA PRO A 444 -13.50 -15.29 -33.70
C PRO A 444 -12.07 -14.74 -33.68
N ASN A 445 -11.75 -13.90 -34.67
CA ASN A 445 -10.41 -13.34 -34.81
C ASN A 445 -10.12 -12.19 -33.86
N ALA A 446 -11.16 -11.42 -33.51
CA ALA A 446 -11.01 -10.17 -32.78
C ALA A 446 -9.98 -10.20 -31.65
N GLY A 447 -9.11 -9.19 -31.65
CA GLY A 447 -7.99 -9.10 -30.71
C GLY A 447 -6.70 -9.62 -31.31
N GLU A 448 -6.82 -10.27 -32.46
CA GLU A 448 -5.70 -10.84 -33.22
C GLU A 448 -4.50 -9.91 -33.24
N GLU A 449 -4.73 -8.66 -33.60
CA GLU A 449 -3.68 -7.65 -33.76
C GLU A 449 -2.94 -7.32 -32.45
N SER A 450 -3.63 -7.40 -31.31
CA SER A 450 -3.03 -7.09 -30.00
C SER A 450 -2.05 -8.16 -29.53
N VAL A 451 -2.36 -9.40 -29.89
CA VAL A 451 -1.48 -10.54 -29.62
C VAL A 451 -0.28 -10.49 -30.57
N MET A 452 -0.55 -10.18 -31.84
CA MET A 452 0.48 -9.93 -32.84
C MET A 452 1.53 -8.94 -32.33
N ASN A 453 1.06 -7.92 -31.60
CA ASN A 453 1.93 -6.89 -31.01
C ASN A 453 2.72 -7.42 -29.82
N LEU A 454 2.03 -8.09 -28.91
CA LEU A 454 2.63 -8.77 -27.76
C LEU A 454 3.81 -9.63 -28.21
N ASP A 455 3.52 -10.55 -29.14
CA ASP A 455 4.47 -11.51 -29.70
C ASP A 455 5.72 -10.86 -30.30
N LYS A 456 5.51 -9.78 -31.07
CA LYS A 456 6.60 -9.04 -31.70
C LYS A 456 7.60 -8.53 -30.67
N LEU A 457 7.08 -7.86 -29.63
CA LEU A 457 7.88 -7.30 -28.54
C LEU A 457 8.52 -8.36 -27.64
N ARG A 458 7.89 -9.53 -27.58
CA ARG A 458 8.33 -10.65 -26.74
C ARG A 458 9.67 -11.20 -27.23
N PHE A 459 9.83 -11.23 -28.55
CA PHE A 459 11.04 -11.76 -29.19
C PHE A 459 11.85 -10.69 -29.89
N ALA A 460 11.63 -9.44 -29.52
CA ALA A 460 12.34 -8.30 -30.10
C ALA A 460 13.86 -8.50 -30.07
N ASN A 461 14.49 -8.22 -31.20
CA ASN A 461 15.92 -8.40 -31.35
C ASN A 461 16.56 -7.16 -31.97
N GLY A 462 16.24 -5.99 -31.42
CA GLY A 462 16.71 -4.72 -31.96
C GLY A 462 18.06 -4.28 -31.44
N THR A 463 18.28 -2.97 -31.40
CA THR A 463 19.58 -2.41 -31.00
C THR A 463 19.44 -1.46 -29.81
N ILE A 464 18.22 -1.00 -29.57
CA ILE A 464 17.94 -0.07 -28.48
C ILE A 464 17.20 -0.78 -27.34
N ARG A 465 17.80 -0.75 -26.15
CA ARG A 465 17.19 -1.35 -24.97
C ARG A 465 15.95 -0.55 -24.54
N THR A 466 14.93 -1.25 -24.04
CA THR A 466 13.66 -0.63 -23.65
C THR A 466 13.85 0.60 -22.77
N SER A 467 14.77 0.50 -21.81
CA SER A 467 15.04 1.57 -20.86
C SER A 467 15.85 2.73 -21.46
N GLU A 468 16.69 2.43 -22.46
CA GLU A 468 17.46 3.46 -23.16
C GLU A 468 16.58 4.37 -24.00
N LEU A 469 15.50 3.80 -24.54
CA LEU A 469 14.51 4.55 -25.32
C LEU A 469 13.49 5.24 -24.41
N ARG A 470 13.28 4.70 -23.22
CA ARG A 470 12.42 5.33 -22.21
C ARG A 470 13.08 6.61 -21.68
N LEU A 471 14.35 6.50 -21.30
CA LEU A 471 15.09 7.63 -20.77
C LEU A 471 15.23 8.76 -21.80
N SER A 472 15.37 8.37 -23.07
CA SER A 472 15.42 9.33 -24.17
C SER A 472 14.15 10.17 -24.26
N MET A 473 13.00 9.53 -24.04
CA MET A 473 11.71 10.21 -24.07
C MET A 473 11.49 11.04 -22.80
N GLN A 474 11.76 10.44 -21.65
CA GLN A 474 11.59 11.11 -20.36
C GLN A 474 12.38 12.42 -20.29
N LYS A 475 13.64 12.39 -20.73
CA LYS A 475 14.49 13.58 -20.77
C LYS A 475 14.02 14.61 -21.80
N SER A 476 13.56 14.13 -22.96
CA SER A 476 13.14 15.02 -24.06
C SER A 476 11.86 15.79 -23.75
N MET A 477 10.96 15.15 -23.00
CA MET A 477 9.75 15.82 -22.54
C MET A 477 10.08 16.81 -21.43
N GLN A 478 11.08 16.46 -20.62
CA GLN A 478 11.50 17.26 -19.47
C GLN A 478 12.17 18.58 -19.89
N SER A 479 12.75 18.59 -21.09
CA SER A 479 13.50 19.76 -21.57
C SER A 479 12.81 20.51 -22.72
N HIS A 480 11.75 19.93 -23.28
CA HIS A 480 11.03 20.53 -24.41
C HIS A 480 9.56 20.82 -24.14
N ALA A 481 9.09 20.43 -22.95
CA ALA A 481 7.70 20.61 -22.55
C ALA A 481 7.59 20.83 -21.04
N ALA A 482 8.51 21.61 -20.49
CA ALA A 482 8.55 21.90 -19.06
C ALA A 482 7.52 22.96 -18.71
N VAL A 483 7.71 23.65 -17.58
CA VAL A 483 6.77 24.66 -17.09
C VAL A 483 6.54 25.74 -18.14
N PHE A 484 7.63 26.38 -18.57
CA PHE A 484 7.58 27.34 -19.68
C PHE A 484 8.00 26.65 -20.97
N ARG A 485 7.34 27.02 -22.06
CA ARG A 485 7.75 26.56 -23.39
C ARG A 485 7.66 27.63 -24.47
N VAL A 486 8.49 27.48 -25.49
CA VAL A 486 8.48 28.39 -26.66
C VAL A 486 8.26 27.61 -27.94
N GLY A 487 7.77 28.30 -28.97
CA GLY A 487 7.58 27.71 -30.30
C GLY A 487 8.77 26.85 -30.70
N SER A 488 9.94 27.50 -30.80
CA SER A 488 11.21 26.85 -31.14
C SER A 488 11.41 25.52 -30.39
N VAL A 489 11.41 25.59 -29.06
CA VAL A 489 11.72 24.45 -28.20
C VAL A 489 10.66 23.34 -28.32
N LEU A 490 9.40 23.73 -28.47
CA LEU A 490 8.32 22.77 -28.69
C LEU A 490 8.45 22.07 -30.05
N GLN A 491 8.79 22.85 -31.08
CA GLN A 491 9.00 22.30 -32.43
C GLN A 491 10.13 21.27 -32.45
N GLU A 492 11.22 21.59 -31.76
CA GLU A 492 12.40 20.72 -31.70
C GLU A 492 12.07 19.45 -30.91
N GLY A 493 11.17 19.59 -29.93
CA GLY A 493 10.72 18.45 -29.14
C GLY A 493 9.89 17.52 -30.00
N CYS A 494 9.00 18.10 -30.80
CA CYS A 494 8.09 17.36 -31.67
C CYS A 494 8.77 16.37 -32.61
N GLU A 495 9.73 16.85 -33.39
CA GLU A 495 10.45 15.99 -34.32
C GLU A 495 11.47 15.08 -33.62
N LYS A 496 11.61 15.27 -32.30
CA LYS A 496 12.48 14.43 -31.49
C LYS A 496 11.69 13.24 -30.95
N ILE A 497 10.45 13.48 -30.54
CA ILE A 497 9.57 12.41 -30.06
C ILE A 497 9.06 11.57 -31.23
N LEU A 498 9.07 12.15 -32.44
CA LEU A 498 8.68 11.46 -33.67
C LEU A 498 9.80 10.51 -34.12
N ARG A 499 11.03 10.94 -33.92
CA ARG A 499 12.21 10.14 -34.22
C ARG A 499 12.26 8.93 -33.28
N LEU A 500 11.80 9.14 -32.05
CA LEU A 500 11.79 8.09 -31.03
C LEU A 500 10.67 7.07 -31.26
N TYR A 501 9.57 7.52 -31.86
CA TYR A 501 8.49 6.61 -32.27
C TYR A 501 8.92 5.78 -33.49
N GLY A 502 9.83 6.33 -34.28
CA GLY A 502 10.44 5.58 -35.38
C GLY A 502 11.30 4.47 -34.81
N ASP A 503 11.94 4.74 -33.67
CA ASP A 503 12.83 3.80 -32.99
C ASP A 503 12.07 2.71 -32.21
N LEU A 504 10.74 2.78 -32.22
CA LEU A 504 9.89 1.79 -31.53
C LEU A 504 10.00 0.39 -32.14
N GLN A 505 10.46 0.32 -33.38
CA GLN A 505 10.64 -0.95 -34.07
C GLN A 505 12.11 -1.36 -34.13
N HIS A 506 12.95 -0.62 -33.42
CA HIS A 506 14.37 -0.92 -33.31
C HIS A 506 14.75 -1.36 -31.89
N LEU A 507 13.75 -1.62 -31.05
CA LEU A 507 14.02 -1.91 -29.62
C LEU A 507 14.41 -3.35 -29.32
N LYS A 508 15.08 -3.52 -28.16
CA LYS A 508 15.63 -4.80 -27.74
C LYS A 508 14.97 -5.29 -26.45
N THR A 509 14.55 -6.55 -26.47
CA THR A 509 14.03 -7.21 -25.28
C THR A 509 14.90 -8.44 -24.99
N PHE A 510 14.81 -8.95 -23.76
CA PHE A 510 15.69 -10.03 -23.31
C PHE A 510 14.94 -11.26 -22.81
N ASP A 511 13.89 -11.04 -22.03
CA ASP A 511 13.13 -12.13 -21.42
C ASP A 511 12.19 -12.77 -22.43
N ARG A 512 12.40 -14.07 -22.67
CA ARG A 512 11.56 -14.84 -23.60
C ARG A 512 10.50 -15.67 -22.89
N GLY A 513 10.40 -15.50 -21.57
CA GLY A 513 9.46 -16.26 -20.76
C GLY A 513 8.05 -15.68 -20.73
N MET A 514 7.09 -16.53 -20.42
CA MET A 514 5.69 -16.14 -20.28
C MET A 514 5.41 -15.57 -18.90
N VAL A 515 5.94 -16.23 -17.88
CA VAL A 515 5.68 -15.89 -16.48
C VAL A 515 6.38 -14.58 -16.10
N TRP A 516 5.61 -13.66 -15.50
CA TRP A 516 6.10 -12.37 -15.00
C TRP A 516 7.18 -11.71 -15.83
N ASN A 517 7.02 -11.74 -17.15
CA ASN A 517 7.93 -11.08 -18.05
C ASN A 517 7.72 -9.56 -17.96
N THR A 518 8.33 -8.94 -16.95
CA THR A 518 8.25 -7.49 -16.78
C THR A 518 8.98 -6.75 -17.90
N ASP A 519 10.07 -7.35 -18.40
CA ASP A 519 10.79 -6.82 -19.56
C ASP A 519 9.81 -6.46 -20.67
N LEU A 520 8.98 -7.44 -21.04
CA LEU A 520 7.89 -7.25 -21.99
C LEU A 520 6.84 -6.24 -21.49
N VAL A 521 6.38 -6.41 -20.24
CA VAL A 521 5.32 -5.56 -19.68
C VAL A 521 5.68 -4.08 -19.70
N GLU A 522 6.93 -3.77 -19.32
CA GLU A 522 7.41 -2.40 -19.38
C GLU A 522 7.65 -1.91 -20.83
N THR A 523 7.86 -2.85 -21.75
CA THR A 523 8.00 -2.52 -23.18
C THR A 523 6.63 -2.19 -23.80
N LEU A 524 5.58 -2.85 -23.32
CA LEU A 524 4.21 -2.48 -23.65
C LEU A 524 3.92 -1.08 -23.11
N GLU A 525 4.46 -0.78 -21.92
CA GLU A 525 4.25 0.49 -21.25
C GLU A 525 4.92 1.63 -22.01
N LEU A 526 6.04 1.32 -22.67
CA LEU A 526 6.75 2.28 -23.50
C LEU A 526 5.93 2.67 -24.73
N GLN A 527 5.33 1.68 -25.38
CA GLN A 527 4.40 1.93 -26.49
C GLN A 527 3.29 2.89 -26.05
N ASN A 528 2.66 2.58 -24.92
CA ASN A 528 1.63 3.43 -24.34
C ASN A 528 2.14 4.85 -24.05
N LEU A 529 3.21 4.96 -23.28
CA LEU A 529 3.80 6.26 -22.94
C LEU A 529 4.11 7.14 -24.16
N MET A 530 4.64 6.54 -25.22
CA MET A 530 4.98 7.26 -26.46
C MET A 530 3.77 7.89 -27.14
N LEU A 531 2.68 7.13 -27.25
CA LEU A 531 1.42 7.62 -27.78
C LEU A 531 0.90 8.79 -26.95
N CYS A 532 1.10 8.73 -25.63
CA CYS A 532 0.69 9.78 -24.72
C CYS A 532 1.54 11.04 -24.89
N ALA A 533 2.85 10.84 -25.04
CA ALA A 533 3.79 11.95 -25.19
C ALA A 533 3.57 12.72 -26.49
N LEU A 534 3.46 11.99 -27.60
CA LEU A 534 3.21 12.58 -28.91
C LEU A 534 2.07 13.60 -28.87
N GLN A 535 0.92 13.17 -28.33
CA GLN A 535 -0.27 14.02 -28.26
C GLN A 535 -0.07 15.21 -27.31
N THR A 536 0.62 14.96 -26.20
CA THR A 536 0.93 16.01 -25.23
C THR A 536 1.75 17.14 -25.85
N ILE A 537 2.78 16.78 -26.62
CA ILE A 537 3.75 17.76 -27.11
C ILE A 537 3.30 18.47 -28.39
N TYR A 538 2.53 17.77 -29.23
CA TYR A 538 2.04 18.37 -30.47
C TYR A 538 0.94 19.39 -30.19
N GLY A 539 0.00 19.02 -29.32
CA GLY A 539 -1.08 19.91 -28.90
C GLY A 539 -0.55 21.13 -28.19
N ALA A 540 0.51 20.94 -27.40
CA ALA A 540 1.24 22.04 -26.75
C ALA A 540 1.86 23.01 -27.76
N GLU A 541 2.41 22.47 -28.86
CA GLU A 541 3.02 23.32 -29.89
C GLU A 541 1.94 24.09 -30.66
N ALA A 542 0.79 23.44 -30.86
CA ALA A 542 -0.32 24.03 -31.58
C ALA A 542 -1.03 25.14 -30.80
N ARG A 543 -1.10 24.99 -29.48
CA ARG A 543 -1.75 25.99 -28.63
C ARG A 543 -0.89 27.26 -28.49
N LYS A 544 -1.30 28.30 -29.22
CA LYS A 544 -0.60 29.58 -29.25
C LYS A 544 -1.23 30.59 -28.29
N GLU A 545 -1.16 30.26 -27.00
CA GLU A 545 -1.72 31.06 -25.92
C GLU A 545 -1.18 30.58 -24.58
N SER A 546 -1.37 31.38 -23.54
CA SER A 546 -1.05 30.96 -22.18
C SER A 546 -2.31 30.85 -21.30
N ARG A 547 -2.70 29.61 -21.01
CA ARG A 547 -3.89 29.33 -20.21
C ARG A 547 -3.59 28.26 -19.16
N GLY A 548 -3.70 28.65 -17.88
CA GLY A 548 -3.47 27.74 -16.76
C GLY A 548 -2.07 27.16 -16.74
N ALA A 549 -1.99 25.83 -16.88
CA ALA A 549 -0.71 25.12 -16.86
C ALA A 549 0.17 25.38 -18.10
N HIS A 550 -0.46 25.53 -19.24
CA HIS A 550 0.26 25.73 -20.50
C HIS A 550 0.66 27.19 -20.62
N ALA A 551 1.96 27.44 -20.56
CA ALA A 551 2.48 28.80 -20.56
C ALA A 551 3.45 29.04 -21.71
N ARG A 552 3.01 29.81 -22.69
CA ARG A 552 3.81 30.16 -23.85
C ARG A 552 4.47 31.52 -23.66
N GLU A 553 5.73 31.62 -24.06
CA GLU A 553 6.47 32.88 -23.95
C GLU A 553 6.48 33.62 -25.29
N ASP A 554 5.76 33.07 -26.27
CA ASP A 554 5.53 33.74 -27.55
C ASP A 554 4.13 34.33 -27.52
N PHE A 555 3.24 33.65 -26.80
CA PHE A 555 1.84 34.03 -26.71
C PHE A 555 1.39 33.93 -25.25
N LYS A 556 1.78 34.92 -24.46
CA LYS A 556 1.47 34.93 -23.02
C LYS A 556 0.06 35.44 -22.69
N GLU A 557 -0.68 35.84 -23.72
CA GLU A 557 -2.04 36.34 -23.57
C GLU A 557 -3.08 35.21 -23.53
N ARG A 558 -4.12 35.42 -22.71
CA ARG A 558 -5.29 34.54 -22.63
C ARG A 558 -6.25 34.81 -23.79
N VAL A 559 -6.27 33.91 -24.77
CA VAL A 559 -7.02 34.15 -26.01
C VAL A 559 -8.41 33.51 -26.01
N ASP A 560 -9.42 34.32 -25.67
CA ASP A 560 -10.80 33.86 -25.59
C ASP A 560 -11.65 34.42 -26.74
N GLU A 561 -12.92 34.06 -26.78
CA GLU A 561 -13.84 34.53 -27.83
C GLU A 561 -14.05 36.03 -27.75
N TYR A 562 -13.89 36.58 -26.56
CA TYR A 562 -13.90 38.02 -26.33
C TYR A 562 -12.65 38.43 -25.59
N ASP A 563 -12.42 39.73 -25.52
CA ASP A 563 -11.48 40.31 -24.57
C ASP A 563 -12.26 40.53 -23.29
N TYR A 564 -12.23 39.53 -22.41
CA TYR A 564 -13.02 39.52 -21.18
C TYR A 564 -12.48 40.44 -20.08
N SER A 565 -11.41 41.18 -20.39
CA SER A 565 -10.77 42.09 -19.44
C SER A 565 -11.39 43.49 -19.47
N LYS A 566 -12.52 43.61 -20.18
CA LYS A 566 -13.28 44.86 -20.27
C LYS A 566 -14.77 44.59 -20.50
N PRO A 567 -15.63 45.62 -20.33
CA PRO A 567 -17.08 45.50 -20.55
C PRO A 567 -17.46 44.56 -21.70
N ILE A 568 -18.18 43.50 -21.35
CA ILE A 568 -18.66 42.53 -22.34
C ILE A 568 -19.79 43.11 -23.19
N GLN A 569 -19.99 42.53 -24.37
CA GLN A 569 -21.17 42.74 -25.22
C GLN A 569 -21.34 44.16 -25.80
N GLY A 570 -20.20 44.80 -26.07
CA GLY A 570 -20.14 45.99 -26.92
C GLY A 570 -18.92 45.76 -27.78
N GLN A 571 -18.91 44.60 -28.44
CA GLN A 571 -17.67 43.97 -28.88
C GLN A 571 -17.90 42.91 -29.94
N GLN A 572 -16.86 42.64 -30.73
CA GLN A 572 -16.94 41.69 -31.82
C GLN A 572 -16.48 40.31 -31.39
N LYS A 573 -17.40 39.34 -31.41
CA LYS A 573 -17.11 37.94 -31.09
C LYS A 573 -16.19 37.33 -32.15
N LYS A 574 -15.23 36.52 -31.70
CA LYS A 574 -14.28 35.86 -32.60
C LYS A 574 -14.84 34.52 -33.15
N PRO A 575 -14.49 34.19 -34.41
CA PRO A 575 -14.81 32.87 -34.98
C PRO A 575 -14.14 31.74 -34.19
N PHE A 576 -14.79 30.58 -34.14
CA PHE A 576 -14.32 29.46 -33.32
C PHE A 576 -12.82 29.19 -33.45
N GLN A 577 -12.34 29.12 -34.69
CA GLN A 577 -10.93 28.80 -34.99
C GLN A 577 -10.03 30.05 -35.02
N GLU A 578 -10.37 31.03 -34.19
CA GLU A 578 -9.54 32.23 -33.99
C GLU A 578 -9.18 32.45 -32.53
N HIS A 579 -9.80 31.69 -31.64
CA HIS A 579 -9.46 31.71 -30.21
C HIS A 579 -9.10 30.31 -29.71
N TRP A 580 -8.61 30.21 -28.48
CA TRP A 580 -8.15 28.94 -27.95
C TRP A 580 -8.97 28.43 -26.76
N ARG A 581 -10.08 29.11 -26.47
CA ARG A 581 -11.00 28.67 -25.42
C ARG A 581 -11.83 27.52 -25.95
N LYS A 582 -11.18 26.36 -26.06
CA LYS A 582 -11.70 25.17 -26.70
C LYS A 582 -10.79 24.01 -26.36
N HIS A 583 -11.32 22.79 -26.47
CA HIS A 583 -10.58 21.60 -26.11
C HIS A 583 -9.74 21.06 -27.26
N THR A 584 -8.50 20.67 -26.95
CA THR A 584 -7.66 19.96 -27.90
C THR A 584 -8.03 18.48 -27.97
N LEU A 585 -8.60 18.08 -29.10
CA LEU A 585 -8.78 16.66 -29.41
C LEU A 585 -7.61 16.21 -30.29
N SER A 586 -6.99 15.09 -29.90
CA SER A 586 -5.78 14.63 -30.58
C SER A 586 -5.89 13.18 -31.03
N TYR A 587 -5.44 12.93 -32.25
CA TYR A 587 -5.41 11.60 -32.84
C TYR A 587 -3.97 11.25 -33.19
N VAL A 588 -3.72 9.96 -33.44
CA VAL A 588 -2.41 9.53 -33.97
C VAL A 588 -2.52 8.27 -34.82
N ASP A 589 -1.99 8.34 -36.03
CA ASP A 589 -1.90 7.19 -36.92
C ASP A 589 -0.75 6.29 -36.46
N VAL A 590 -1.12 5.14 -35.89
CA VAL A 590 -0.18 4.24 -35.24
C VAL A 590 0.95 3.75 -36.18
N LYS A 591 0.65 3.62 -37.46
CA LYS A 591 1.63 3.13 -38.45
C LYS A 591 2.82 4.08 -38.66
N THR A 592 2.57 5.39 -38.58
CA THR A 592 3.60 6.40 -38.82
C THR A 592 3.79 7.39 -37.66
N GLY A 593 2.89 7.31 -36.67
CA GLY A 593 2.97 8.16 -35.47
C GLY A 593 2.66 9.63 -35.70
N LYS A 594 1.89 9.92 -36.75
CA LYS A 594 1.52 11.30 -37.07
C LYS A 594 0.36 11.78 -36.20
N VAL A 595 0.54 12.94 -35.57
CA VAL A 595 -0.50 13.55 -34.75
C VAL A 595 -1.30 14.54 -35.58
N SER A 596 -2.50 14.13 -35.99
CA SER A 596 -3.49 15.06 -36.52
C SER A 596 -4.36 15.46 -35.36
N LEU A 597 -4.88 16.69 -35.38
CA LEU A 597 -5.61 17.20 -34.22
C LEU A 597 -6.72 18.21 -34.53
N GLU A 598 -7.81 18.08 -33.79
CA GLU A 598 -9.01 18.90 -33.97
C GLU A 598 -9.38 19.61 -32.67
N TYR A 599 -10.55 20.23 -32.63
CA TYR A 599 -11.00 21.01 -31.47
C TYR A 599 -12.51 20.95 -31.25
N ARG A 600 -12.92 21.02 -29.99
CA ARG A 600 -14.33 21.11 -29.62
C ARG A 600 -14.54 22.11 -28.47
N PRO A 601 -15.73 22.73 -28.40
CA PRO A 601 -15.96 23.88 -27.50
C PRO A 601 -16.10 23.52 -26.03
N VAL A 602 -15.67 24.44 -25.17
CA VAL A 602 -15.85 24.30 -23.71
C VAL A 602 -17.30 24.57 -23.32
N ILE A 603 -17.84 23.74 -22.46
CA ILE A 603 -19.24 23.84 -22.07
C ILE A 603 -19.40 24.86 -20.96
N ASP A 604 -20.13 25.95 -21.27
CA ASP A 604 -20.28 27.06 -20.34
C ASP A 604 -21.52 26.96 -19.45
N LYS A 605 -22.62 26.41 -19.98
CA LYS A 605 -23.86 26.25 -19.20
C LYS A 605 -23.76 25.15 -18.15
N THR A 606 -24.41 25.38 -17.01
CA THR A 606 -24.42 24.43 -15.90
C THR A 606 -25.58 23.46 -16.05
N LEU A 607 -25.76 22.55 -15.10
CA LEU A 607 -26.88 21.62 -15.14
C LEU A 607 -28.23 22.30 -14.81
N ASN A 608 -28.16 23.38 -14.03
CA ASN A 608 -29.33 24.18 -13.69
C ASN A 608 -28.91 25.60 -13.30
N GLU A 609 -29.15 26.53 -14.22
CA GLU A 609 -28.83 27.94 -14.02
C GLU A 609 -29.44 28.50 -12.74
N ALA A 610 -30.65 28.04 -12.42
CA ALA A 610 -31.39 28.50 -11.26
C ALA A 610 -30.73 28.10 -9.93
N ASP A 611 -30.06 26.96 -9.93
CA ASP A 611 -29.37 26.45 -8.75
C ASP A 611 -27.90 26.90 -8.74
N CYS A 612 -27.32 27.01 -9.94
CA CYS A 612 -25.89 27.30 -10.09
C CYS A 612 -25.61 28.13 -11.35
N ALA A 613 -25.33 29.42 -11.14
CA ALA A 613 -25.14 30.37 -12.26
C ALA A 613 -23.85 30.12 -13.01
N THR A 614 -23.92 30.21 -14.34
CA THR A 614 -22.73 30.15 -15.19
C THR A 614 -21.77 31.28 -14.82
N VAL A 615 -20.52 30.91 -14.54
CA VAL A 615 -19.48 31.88 -14.26
C VAL A 615 -18.77 32.23 -15.57
N PRO A 616 -18.95 33.48 -16.06
CA PRO A 616 -18.34 33.89 -17.31
C PRO A 616 -16.83 34.06 -17.13
N PRO A 617 -16.07 34.04 -18.23
CA PRO A 617 -14.62 34.31 -18.14
C PRO A 617 -14.34 35.70 -17.59
N ALA A 618 -13.28 35.81 -16.80
CA ALA A 618 -12.86 37.09 -16.22
C ALA A 618 -11.35 37.15 -16.07
N ILE A 619 -10.85 38.26 -15.53
CA ILE A 619 -9.44 38.37 -15.17
C ILE A 619 -9.13 37.33 -14.10
N ARG A 620 -8.20 36.43 -14.40
CA ARG A 620 -7.80 35.39 -13.46
C ARG A 620 -6.43 35.68 -12.83
N SER A 621 -6.46 36.03 -11.56
CA SER A 621 -5.24 36.20 -10.77
C SER A 621 -5.52 35.88 -9.29
N TYR A 622 -4.46 35.49 -8.58
CA TYR A 622 -4.55 35.21 -7.15
C TYR A 622 -3.58 36.13 -6.39
N PRO B 9 34.80 6.39 -8.07
CA PRO B 9 34.28 5.07 -8.43
C PRO B 9 34.10 4.18 -7.21
N ARG B 10 32.92 3.54 -7.09
CA ARG B 10 32.57 2.74 -5.91
C ARG B 10 31.68 1.54 -6.26
N ILE B 11 32.30 0.37 -6.36
CA ILE B 11 31.60 -0.84 -6.83
C ILE B 11 31.03 -1.72 -5.70
N LYS B 12 29.70 -1.76 -5.63
CA LYS B 12 28.99 -2.57 -4.65
C LYS B 12 28.41 -3.82 -5.34
N LYS B 13 28.61 -4.97 -4.71
CA LYS B 13 28.14 -6.25 -5.24
C LYS B 13 26.81 -6.63 -4.60
N PHE B 14 25.91 -7.19 -5.40
CA PHE B 14 24.60 -7.63 -4.92
C PHE B 14 24.35 -9.10 -5.23
N ALA B 15 24.06 -9.89 -4.19
CA ALA B 15 23.70 -11.29 -4.34
C ALA B 15 22.17 -11.42 -4.33
N ILE B 16 21.60 -11.76 -5.49
CA ILE B 16 20.15 -11.80 -5.64
C ILE B 16 19.63 -13.20 -5.98
N TYR B 17 18.58 -13.61 -5.28
CA TYR B 17 17.88 -14.88 -5.50
C TYR B 17 17.22 -14.90 -6.89
N ARG B 18 17.43 -15.98 -7.62
CA ARG B 18 16.89 -16.13 -8.97
C ARG B 18 16.23 -17.48 -9.23
N TRP B 19 15.06 -17.44 -9.87
CA TRP B 19 14.37 -18.66 -10.33
C TRP B 19 13.45 -18.36 -11.51
N ASP B 20 13.79 -18.91 -12.68
CA ASP B 20 12.94 -18.82 -13.85
C ASP B 20 11.99 -20.02 -13.88
N PRO B 21 10.69 -19.76 -13.96
CA PRO B 21 9.68 -20.81 -14.01
C PRO B 21 9.60 -21.48 -15.37
N ASP B 22 9.89 -20.70 -16.42
CA ASP B 22 9.79 -21.17 -17.80
C ASP B 22 11.04 -21.91 -18.29
N LYS B 23 12.11 -21.84 -17.51
CA LYS B 23 13.32 -22.61 -17.79
C LYS B 23 13.21 -24.02 -17.22
N THR B 24 13.50 -25.02 -18.04
CA THR B 24 13.36 -26.42 -17.63
C THR B 24 14.40 -26.78 -16.56
N GLY B 25 13.92 -27.21 -15.40
CA GLY B 25 14.77 -27.74 -14.34
C GLY B 25 15.74 -26.78 -13.68
N ASP B 26 15.70 -25.50 -14.07
CA ASP B 26 16.54 -24.49 -13.44
C ASP B 26 15.97 -24.18 -12.07
N LYS B 27 16.68 -24.61 -11.03
CA LYS B 27 16.24 -24.39 -9.65
C LYS B 27 16.83 -23.09 -9.05
N PRO B 28 16.52 -22.79 -7.77
CA PRO B 28 16.92 -21.50 -7.21
C PRO B 28 18.43 -21.36 -6.96
N HIS B 29 18.96 -20.18 -7.27
CA HIS B 29 20.37 -19.88 -7.04
C HIS B 29 20.55 -18.38 -6.77
N MET B 30 21.79 -17.98 -6.51
CA MET B 30 22.13 -16.58 -6.31
C MET B 30 22.91 -16.05 -7.51
N GLN B 31 22.52 -14.88 -8.01
CA GLN B 31 23.29 -14.19 -9.04
C GLN B 31 23.84 -12.89 -8.51
N THR B 32 25.10 -12.60 -8.83
CA THR B 32 25.77 -11.42 -8.34
C THR B 32 25.80 -10.32 -9.40
N TYR B 33 25.47 -9.10 -9.00
CA TYR B 33 25.56 -7.95 -9.90
C TYR B 33 26.43 -6.85 -9.29
N GLU B 34 27.26 -6.23 -10.12
CA GLU B 34 28.19 -5.20 -9.68
C GLU B 34 27.78 -3.81 -10.17
N ILE B 35 27.55 -2.90 -9.22
CA ILE B 35 27.03 -1.56 -9.50
C ILE B 35 27.97 -0.46 -9.02
N ASP B 36 28.11 0.59 -9.83
CA ASP B 36 28.79 1.80 -9.41
C ASP B 36 27.79 2.69 -8.67
N LEU B 37 28.06 2.96 -7.40
CA LEU B 37 27.13 3.70 -6.56
C LEU B 37 27.12 5.22 -6.80
N ASN B 38 27.99 5.69 -7.69
CA ASN B 38 28.01 7.10 -8.07
C ASN B 38 26.93 7.46 -9.07
N ASN B 39 26.51 6.47 -9.87
CA ASN B 39 25.48 6.67 -10.89
C ASN B 39 24.15 6.01 -10.48
N CYS B 40 23.88 6.01 -9.17
CA CYS B 40 22.78 5.25 -8.61
C CYS B 40 22.24 5.91 -7.35
N GLY B 41 20.92 6.08 -7.28
CA GLY B 41 20.24 6.65 -6.11
C GLY B 41 20.48 5.85 -4.85
N PRO B 42 20.20 6.42 -3.68
CA PRO B 42 20.67 5.86 -2.42
C PRO B 42 20.02 4.54 -2.00
N MET B 43 18.79 4.29 -2.47
CA MET B 43 17.98 3.16 -2.01
C MET B 43 18.18 1.85 -2.79
N VAL B 44 17.76 0.74 -2.18
CA VAL B 44 18.00 -0.59 -2.74
C VAL B 44 17.24 -0.83 -4.03
N LEU B 45 16.02 -0.31 -4.11
CA LEU B 45 15.25 -0.37 -5.35
C LEU B 45 16.02 0.30 -6.49
N ASP B 46 16.51 1.53 -6.25
CA ASP B 46 17.30 2.28 -7.23
C ASP B 46 18.35 1.39 -7.90
N ALA B 47 18.91 0.48 -7.11
CA ALA B 47 19.87 -0.50 -7.59
C ALA B 47 19.18 -1.55 -8.46
N LEU B 48 18.14 -2.20 -7.92
CA LEU B 48 17.40 -3.22 -8.67
C LEU B 48 16.93 -2.70 -10.03
N ILE B 49 16.39 -1.48 -10.04
CA ILE B 49 15.95 -0.84 -11.29
C ILE B 49 17.16 -0.60 -12.19
N LYS B 50 18.29 -0.21 -11.59
CA LYS B 50 19.49 0.07 -12.38
C LYS B 50 20.06 -1.17 -13.09
N ILE B 51 20.13 -2.29 -12.38
CA ILE B 51 20.64 -3.53 -12.99
C ILE B 51 19.63 -4.04 -14.04
N LYS B 52 18.35 -3.85 -13.74
CA LYS B 52 17.27 -4.16 -14.68
C LYS B 52 17.46 -3.43 -16.01
N ASN B 53 17.88 -2.17 -15.92
CA ASN B 53 17.98 -1.29 -17.07
C ASN B 53 19.31 -1.35 -17.83
N GLU B 54 20.33 -1.91 -17.20
CA GLU B 54 21.69 -1.84 -17.74
C GLU B 54 22.43 -3.16 -17.79
N ILE B 55 22.13 -4.04 -16.83
CA ILE B 55 22.84 -5.33 -16.73
C ILE B 55 21.96 -6.50 -17.16
N ASP B 56 20.81 -6.67 -16.51
CA ASP B 56 19.89 -7.76 -16.82
C ASP B 56 18.43 -7.36 -16.66
N SER B 57 17.67 -7.47 -17.74
CA SER B 57 16.25 -7.13 -17.73
C SER B 57 15.35 -8.34 -17.43
N THR B 58 15.96 -9.43 -17.00
CA THR B 58 15.22 -10.63 -16.60
C THR B 58 14.90 -10.56 -15.11
N LEU B 59 15.64 -9.71 -14.40
CA LEU B 59 15.40 -9.50 -12.97
C LEU B 59 13.96 -9.01 -12.76
N THR B 60 13.19 -9.80 -12.02
CA THR B 60 11.76 -9.56 -11.89
C THR B 60 11.35 -9.27 -10.44
N PHE B 61 10.68 -8.13 -10.25
CA PHE B 61 10.25 -7.66 -8.93
C PHE B 61 9.04 -6.72 -9.03
N ARG B 62 8.33 -6.57 -7.91
CA ARG B 62 7.21 -5.65 -7.82
C ARG B 62 7.70 -4.29 -7.34
N ARG B 63 7.22 -3.22 -7.98
CA ARG B 63 7.46 -1.85 -7.52
C ARG B 63 6.44 -0.89 -8.13
N SER B 64 6.08 0.13 -7.37
CA SER B 64 5.17 1.16 -7.87
C SER B 64 5.53 2.57 -7.41
N CYS B 65 5.49 2.80 -6.10
CA CYS B 65 5.50 4.17 -5.57
C CYS B 65 6.88 4.77 -5.40
N ARG B 66 7.85 3.93 -5.04
CA ARG B 66 9.20 4.37 -4.61
C ARG B 66 9.15 5.55 -3.61
N GLU B 67 8.21 5.43 -2.67
CA GLU B 67 7.94 6.45 -1.66
C GLU B 67 7.68 5.73 -0.34
N GLY B 68 7.43 4.43 -0.43
CA GLY B 68 7.24 3.59 0.74
C GLY B 68 5.84 3.62 1.31
N ILE B 69 4.84 3.73 0.42
CA ILE B 69 3.44 3.70 0.84
C ILE B 69 2.59 2.70 0.05
N CYS B 70 3.15 1.98 -0.91
CA CYS B 70 2.31 1.03 -1.66
C CYS B 70 2.48 -0.40 -1.18
N GLY B 71 3.70 -0.76 -0.81
CA GLY B 71 4.00 -2.08 -0.24
C GLY B 71 4.40 -3.10 -1.28
N SER B 72 4.93 -2.61 -2.40
CA SER B 72 5.27 -3.47 -3.55
C SER B 72 6.66 -4.10 -3.47
N CYS B 73 7.63 -3.37 -2.93
CA CYS B 73 9.01 -3.87 -2.78
C CYS B 73 9.06 -5.14 -1.94
N ALA B 74 8.79 -4.98 -0.64
CA ALA B 74 8.54 -6.10 0.28
C ALA B 74 9.47 -7.31 0.11
N MET B 75 10.77 -7.09 0.32
CA MET B 75 11.72 -8.20 0.19
C MET B 75 12.62 -8.37 1.41
N ASN B 76 13.38 -9.46 1.40
CA ASN B 76 14.32 -9.73 2.49
C ASN B 76 15.72 -9.25 2.17
N ILE B 77 16.01 -8.02 2.62
CA ILE B 77 17.31 -7.39 2.43
C ILE B 77 18.21 -7.71 3.62
N ASN B 78 19.40 -8.23 3.33
CA ASN B 78 20.46 -8.45 4.31
C ASN B 78 20.01 -9.03 5.66
N GLY B 79 19.11 -9.99 5.59
CA GLY B 79 18.64 -10.72 6.77
C GLY B 79 17.19 -10.48 7.17
N GLY B 80 16.66 -9.31 6.88
CA GLY B 80 15.32 -8.94 7.34
C GLY B 80 14.39 -8.41 6.26
N ASN B 81 13.11 -8.35 6.59
CA ASN B 81 12.09 -7.85 5.66
C ASN B 81 11.92 -6.35 5.78
N THR B 82 11.88 -5.69 4.62
CA THR B 82 11.62 -4.25 4.54
C THR B 82 11.09 -3.90 3.17
N LEU B 83 11.10 -2.60 2.89
CA LEU B 83 10.77 -2.09 1.58
C LEU B 83 12.05 -1.57 0.93
N ALA B 84 12.38 -2.13 -0.23
CA ALA B 84 13.59 -1.78 -0.98
C ALA B 84 13.70 -0.29 -1.28
N CYS B 85 12.59 0.31 -1.69
CA CYS B 85 12.55 1.72 -2.09
C CYS B 85 12.85 2.70 -0.95
N THR B 86 12.73 2.23 0.30
CA THR B 86 12.92 3.09 1.47
C THR B 86 14.16 2.72 2.31
N ARG B 87 14.81 1.61 1.97
CA ARG B 87 16.03 1.17 2.62
C ARG B 87 17.25 1.62 1.84
N ARG B 88 18.20 2.24 2.52
CA ARG B 88 19.43 2.69 1.86
C ARG B 88 20.48 1.59 1.79
N ILE B 89 21.25 1.61 0.69
CA ILE B 89 22.34 0.67 0.45
C ILE B 89 23.45 0.92 1.45
N ASP B 90 23.96 -0.17 2.05
CA ASP B 90 25.11 -0.08 2.95
C ASP B 90 26.36 0.31 2.14
N THR B 91 26.82 1.54 2.34
CA THR B 91 27.92 2.10 1.52
C THR B 91 29.25 1.37 1.69
N ASN B 92 29.28 0.39 2.60
CA ASN B 92 30.46 -0.45 2.81
C ASN B 92 30.67 -1.41 1.64
N LEU B 93 31.70 -1.12 0.85
CA LEU B 93 32.00 -1.87 -0.38
C LEU B 93 32.50 -3.29 -0.13
N ASP B 94 33.09 -3.51 1.04
CA ASP B 94 33.63 -4.81 1.42
C ASP B 94 32.53 -5.84 1.66
N LYS B 95 31.33 -5.35 1.98
CA LYS B 95 30.17 -6.21 2.19
C LYS B 95 29.42 -6.45 0.89
N VAL B 96 28.76 -7.61 0.80
CA VAL B 96 27.92 -7.96 -0.35
C VAL B 96 26.45 -8.00 0.09
N SER B 97 25.60 -7.23 -0.61
CA SER B 97 24.17 -7.18 -0.30
C SER B 97 23.43 -8.46 -0.73
N LYS B 98 22.78 -9.09 0.25
CA LYS B 98 21.99 -10.29 0.00
C LYS B 98 20.50 -9.96 -0.07
N ILE B 99 19.90 -10.18 -1.24
CA ILE B 99 18.50 -9.86 -1.50
C ILE B 99 17.71 -11.15 -1.75
N TYR B 100 16.68 -11.35 -0.95
CA TYR B 100 15.86 -12.56 -1.03
C TYR B 100 14.37 -12.23 -1.18
N PRO B 101 13.59 -13.19 -1.72
CA PRO B 101 12.15 -12.97 -1.66
C PRO B 101 11.67 -13.16 -0.24
N LEU B 102 10.54 -12.55 0.10
CA LEU B 102 9.96 -12.72 1.43
C LEU B 102 9.98 -14.19 1.86
N PRO B 103 10.48 -14.47 3.07
CA PRO B 103 10.60 -15.80 3.68
C PRO B 103 9.34 -16.67 3.62
N HIS B 104 9.57 -17.98 3.54
CA HIS B 104 8.50 -19.00 3.52
C HIS B 104 7.30 -18.69 2.63
N MET B 105 7.57 -18.40 1.36
CA MET B 105 6.51 -18.17 0.37
C MET B 105 6.79 -18.88 -0.94
N TYR B 106 5.73 -19.26 -1.66
CA TYR B 106 5.90 -19.88 -2.97
C TYR B 106 6.36 -18.84 -3.97
N VAL B 107 7.50 -19.09 -4.58
CA VAL B 107 8.08 -18.13 -5.51
C VAL B 107 7.52 -18.37 -6.91
N ILE B 108 6.96 -17.31 -7.49
CA ILE B 108 6.41 -17.35 -8.84
C ILE B 108 7.58 -17.24 -9.81
N LYS B 109 8.40 -16.19 -9.62
CA LYS B 109 9.61 -15.95 -10.39
C LYS B 109 10.43 -14.90 -9.64
N ASP B 110 11.73 -15.16 -9.50
CA ASP B 110 12.64 -14.26 -8.79
C ASP B 110 12.05 -13.77 -7.47
N LEU B 111 12.02 -12.46 -7.26
CA LEU B 111 11.61 -11.88 -5.98
C LEU B 111 10.11 -11.62 -5.87
N VAL B 112 9.33 -12.19 -6.78
CA VAL B 112 7.87 -12.07 -6.72
C VAL B 112 7.24 -13.34 -6.15
N PRO B 113 6.64 -13.22 -4.94
CA PRO B 113 5.97 -14.32 -4.25
C PRO B 113 4.45 -14.34 -4.48
N ASP B 114 3.80 -15.45 -4.14
CA ASP B 114 2.35 -15.55 -4.17
C ASP B 114 1.75 -15.08 -2.85
N LEU B 115 1.20 -13.85 -2.85
CA LEU B 115 0.61 -13.26 -1.66
C LEU B 115 -0.89 -13.49 -1.57
N SER B 116 -1.45 -14.24 -2.53
CA SER B 116 -2.91 -14.40 -2.65
C SER B 116 -3.58 -14.99 -1.41
N ASN B 117 -2.87 -15.88 -0.72
CA ASN B 117 -3.37 -16.47 0.53
C ASN B 117 -3.48 -15.41 1.62
N PHE B 118 -2.41 -14.65 1.78
CA PHE B 118 -2.32 -13.49 2.67
C PHE B 118 -3.52 -12.57 2.43
N TYR B 119 -3.74 -12.21 1.17
CA TYR B 119 -4.84 -11.31 0.80
C TYR B 119 -6.19 -11.82 1.25
N ALA B 120 -6.38 -13.13 1.07
CA ALA B 120 -7.61 -13.82 1.41
C ALA B 120 -7.87 -13.82 2.91
N GLN B 121 -6.79 -13.92 3.68
CA GLN B 121 -6.87 -13.86 5.14
C GLN B 121 -7.34 -12.47 5.61
N TYR B 122 -6.83 -11.43 4.96
CA TYR B 122 -7.32 -10.07 5.16
C TYR B 122 -8.81 -9.99 4.84
N LYS B 123 -9.20 -10.62 3.73
CA LYS B 123 -10.60 -10.66 3.30
C LYS B 123 -11.53 -11.30 4.33
N SER B 124 -11.01 -12.25 5.11
CA SER B 124 -11.85 -13.04 6.02
C SER B 124 -12.18 -12.36 7.35
N ILE B 125 -11.43 -11.31 7.71
CA ILE B 125 -11.68 -10.61 8.98
C ILE B 125 -12.72 -9.50 8.84
N GLU B 126 -13.08 -9.20 7.59
CA GLU B 126 -14.05 -8.15 7.23
C GLU B 126 -13.49 -6.75 7.50
N PRO B 127 -12.50 -6.32 6.68
CA PRO B 127 -11.85 -5.03 6.86
C PRO B 127 -12.67 -3.86 6.31
N TYR B 128 -13.86 -3.66 6.86
CA TYR B 128 -14.71 -2.51 6.53
C TYR B 128 -15.56 -2.22 7.74
N LEU B 129 -16.13 -1.02 7.80
CA LEU B 129 -17.01 -0.66 8.91
C LEU B 129 -18.37 -1.35 8.77
N LYS B 130 -18.83 -1.92 9.87
CA LYS B 130 -20.15 -2.58 9.92
C LYS B 130 -21.03 -1.88 10.95
N LYS B 131 -22.28 -1.64 10.56
CA LYS B 131 -23.27 -1.04 11.44
C LYS B 131 -24.47 -1.97 11.59
N LYS B 132 -25.13 -1.88 12.76
CA LYS B 132 -26.34 -2.66 13.02
C LYS B 132 -27.52 -2.14 12.20
N ASP B 133 -27.66 -0.81 12.16
CA ASP B 133 -28.68 -0.15 11.34
C ASP B 133 -28.01 0.50 10.13
N GLU B 134 -28.07 -0.21 8.99
CA GLU B 134 -27.42 0.21 7.75
C GLU B 134 -28.26 1.21 6.99
N SER B 135 -29.53 1.35 7.38
CA SER B 135 -30.52 2.12 6.62
C SER B 135 -30.26 3.62 6.54
N GLN B 136 -29.51 4.16 7.49
CA GLN B 136 -29.28 5.60 7.56
C GLN B 136 -27.93 6.03 7.00
N GLU B 137 -27.25 5.13 6.29
CA GLU B 137 -25.91 5.44 5.79
C GLU B 137 -25.91 6.23 4.49
N GLY B 138 -24.85 7.01 4.31
CA GLY B 138 -24.65 7.80 3.09
C GLY B 138 -25.16 9.23 3.16
N LYS B 139 -25.87 9.56 4.23
CA LYS B 139 -26.49 10.90 4.36
C LYS B 139 -25.96 11.78 5.49
N GLN B 140 -25.47 11.17 6.57
CA GLN B 140 -24.92 11.92 7.69
C GLN B 140 -23.49 11.47 7.95
N GLN B 141 -22.62 12.42 8.31
CA GLN B 141 -21.28 12.06 8.76
C GLN B 141 -21.31 11.55 10.20
N TYR B 142 -20.69 10.40 10.43
CA TYR B 142 -20.67 9.78 11.75
C TYR B 142 -19.81 10.60 12.71
N LEU B 143 -20.12 10.50 13.99
CA LEU B 143 -19.41 11.25 15.01
C LEU B 143 -18.35 10.39 15.67
N GLN B 144 -17.11 10.88 15.63
CA GLN B 144 -15.99 10.25 16.32
C GLN B 144 -15.20 11.37 16.99
N SER B 145 -15.04 11.28 18.31
CA SER B 145 -14.29 12.28 19.08
C SER B 145 -12.81 12.18 18.76
N ILE B 146 -12.07 13.27 18.97
CA ILE B 146 -10.64 13.30 18.61
C ILE B 146 -9.82 12.30 19.45
N GLU B 147 -10.27 12.06 20.67
CA GLU B 147 -9.72 10.99 21.52
C GLU B 147 -9.97 9.60 20.90
N GLU B 148 -11.20 9.36 20.46
CA GLU B 148 -11.59 8.09 19.83
C GLU B 148 -10.77 7.80 18.58
N ARG B 149 -10.51 8.84 17.80
CA ARG B 149 -9.80 8.71 16.53
C ARG B 149 -8.32 8.37 16.73
N GLU B 150 -7.72 8.90 17.80
CA GLU B 150 -6.32 8.64 18.13
C GLU B 150 -5.99 7.18 18.47
N LYS B 151 -7.01 6.41 18.87
CA LYS B 151 -6.88 4.99 19.10
C LYS B 151 -6.46 4.25 17.84
N LEU B 152 -6.76 4.84 16.69
CA LEU B 152 -6.43 4.22 15.40
C LEU B 152 -5.03 4.60 14.92
N ASP B 153 -4.40 5.57 15.57
CA ASP B 153 -3.02 5.89 15.22
C ASP B 153 -2.15 4.67 15.48
N GLY B 154 -1.17 4.45 14.60
CA GLY B 154 -0.29 3.30 14.70
C GLY B 154 -0.93 2.01 14.20
N LEU B 155 -2.21 2.10 13.81
CA LEU B 155 -2.99 0.94 13.34
C LEU B 155 -3.43 1.09 11.90
N TYR B 156 -4.06 2.24 11.59
CA TYR B 156 -4.59 2.50 10.25
C TYR B 156 -3.47 2.67 9.20
N GLU B 157 -2.31 3.14 9.65
CA GLU B 157 -1.16 3.44 8.76
C GLU B 157 -0.62 2.23 8.00
N CYS B 158 -1.10 1.03 8.32
CA CYS B 158 -0.59 -0.20 7.73
C CYS B 158 -0.71 -0.19 6.21
N ILE B 159 0.26 -0.80 5.55
CA ILE B 159 0.34 -0.72 4.11
C ILE B 159 0.19 -2.08 3.42
N LEU B 160 -0.11 -3.11 4.22
CA LEU B 160 -0.26 -4.50 3.77
C LEU B 160 0.91 -5.00 2.90
N CYS B 161 2.13 -4.69 3.32
CA CYS B 161 3.35 -5.11 2.62
C CYS B 161 3.73 -6.56 2.91
N ALA B 162 3.18 -7.10 4.00
CA ALA B 162 3.34 -8.51 4.40
C ALA B 162 4.72 -8.86 4.93
N CYS B 163 5.53 -7.83 5.22
CA CYS B 163 6.86 -8.01 5.79
C CYS B 163 6.80 -8.75 7.11
N CYS B 164 5.89 -8.31 7.98
CA CYS B 164 5.76 -8.87 9.32
C CYS B 164 5.25 -10.31 9.34
N SER B 165 4.13 -10.57 8.67
CA SER B 165 3.63 -11.95 8.60
C SER B 165 4.68 -12.89 8.01
N THR B 166 5.47 -12.35 7.10
CA THR B 166 6.50 -13.12 6.41
C THR B 166 7.79 -13.19 7.23
N SER B 167 7.80 -12.58 8.40
CA SER B 167 8.95 -12.72 9.30
C SER B 167 8.57 -13.61 10.46
N CYS B 168 7.28 -13.82 10.64
CA CYS B 168 6.76 -14.58 11.78
C CYS B 168 6.91 -16.08 11.59
N PRO B 169 7.69 -16.73 12.47
CA PRO B 169 7.88 -18.18 12.43
C PRO B 169 6.58 -18.97 12.60
N SER B 170 5.59 -18.39 13.28
CA SER B 170 4.26 -19.01 13.36
C SER B 170 3.57 -19.01 12.00
N TYR B 171 3.76 -17.92 11.26
CA TYR B 171 3.27 -17.81 9.88
C TYR B 171 4.05 -18.71 8.92
N TRP B 172 5.33 -18.95 9.22
CA TRP B 172 6.11 -19.89 8.44
C TRP B 172 5.52 -21.30 8.56
N TRP B 173 5.39 -21.76 9.80
CA TRP B 173 4.96 -23.12 10.07
C TRP B 173 3.47 -23.30 9.80
N ASN B 174 2.65 -22.35 10.25
CA ASN B 174 1.20 -22.49 10.16
C ASN B 174 0.44 -21.43 9.36
N GLY B 175 1.16 -20.74 8.47
CA GLY B 175 0.57 -19.75 7.56
C GLY B 175 -0.75 -20.12 6.90
N ASP B 176 -1.09 -21.41 6.87
CA ASP B 176 -2.36 -21.84 6.32
C ASP B 176 -3.55 -21.44 7.21
N LYS B 177 -3.40 -21.63 8.51
CA LYS B 177 -4.48 -21.47 9.49
C LYS B 177 -4.24 -20.31 10.46
N TYR B 178 -2.98 -19.90 10.60
CA TYR B 178 -2.64 -18.72 11.38
C TYR B 178 -2.72 -17.46 10.51
N LEU B 179 -3.46 -16.48 10.99
CA LEU B 179 -3.75 -15.27 10.21
C LEU B 179 -2.56 -14.31 10.09
N GLY B 180 -1.66 -14.36 11.06
CA GLY B 180 -0.46 -13.53 11.01
C GLY B 180 -0.67 -12.09 11.50
N PRO B 181 0.42 -11.41 11.87
CA PRO B 181 0.37 -10.09 12.48
C PRO B 181 -0.27 -9.00 11.61
N ALA B 182 0.10 -8.95 10.33
CA ALA B 182 -0.46 -7.95 9.42
C ALA B 182 -1.97 -7.94 9.49
N VAL B 183 -2.58 -9.11 9.32
CA VAL B 183 -4.02 -9.27 9.31
C VAL B 183 -4.61 -9.10 10.72
N LEU B 184 -3.94 -9.63 11.74
CA LEU B 184 -4.47 -9.57 13.11
C LEU B 184 -4.56 -8.13 13.62
N MET B 185 -3.58 -7.32 13.26
CA MET B 185 -3.58 -5.91 13.62
C MET B 185 -4.83 -5.22 13.07
N GLN B 186 -5.20 -5.52 11.83
CA GLN B 186 -6.35 -4.86 11.21
C GLN B 186 -7.67 -5.24 11.89
N ALA B 187 -7.79 -6.50 12.32
CA ALA B 187 -8.94 -6.92 13.11
C ALA B 187 -9.06 -6.03 14.35
N TYR B 188 -7.93 -5.76 15.00
CA TYR B 188 -7.89 -4.88 16.17
C TYR B 188 -8.27 -3.45 15.77
N ARG B 189 -7.80 -3.02 14.60
CA ARG B 189 -8.09 -1.69 14.07
C ARG B 189 -9.59 -1.46 13.96
N TRP B 190 -10.32 -2.50 13.57
CA TRP B 190 -11.78 -2.42 13.46
C TRP B 190 -12.47 -2.65 14.79
N MET B 191 -11.78 -3.33 15.70
CA MET B 191 -12.33 -3.62 17.03
C MET B 191 -12.48 -2.35 17.87
N ILE B 192 -11.46 -1.51 17.87
CA ILE B 192 -11.48 -0.30 18.71
C ILE B 192 -11.93 0.94 17.95
N ASP B 193 -12.37 0.74 16.72
CA ASP B 193 -12.98 1.83 15.97
C ASP B 193 -14.37 2.05 16.55
N SER B 194 -14.56 3.23 17.15
CA SER B 194 -15.80 3.59 17.82
C SER B 194 -17.04 3.41 16.95
N ARG B 195 -16.90 3.69 15.66
CA ARG B 195 -18.02 3.63 14.72
C ARG B 195 -18.46 2.19 14.36
N ASP B 196 -17.68 1.20 14.76
CA ASP B 196 -17.99 -0.20 14.49
C ASP B 196 -18.90 -0.81 15.56
N ASP B 197 -19.90 -1.57 15.09
CA ASP B 197 -20.92 -2.14 15.96
C ASP B 197 -20.71 -3.63 16.24
N PHE B 198 -19.77 -4.23 15.54
CA PHE B 198 -19.63 -5.69 15.59
C PHE B 198 -18.40 -6.20 16.36
N THR B 199 -17.94 -5.41 17.32
CA THR B 199 -16.78 -5.74 18.15
C THR B 199 -16.85 -7.18 18.68
N GLU B 200 -17.95 -7.51 19.39
CA GLU B 200 -18.08 -8.82 20.04
C GLU B 200 -17.94 -10.00 19.08
N GLU B 201 -18.59 -9.92 17.92
CA GLU B 201 -18.52 -11.00 16.94
C GLU B 201 -17.25 -11.00 16.10
N ARG B 202 -16.51 -9.90 16.15
CA ARG B 202 -15.19 -9.83 15.53
C ARG B 202 -14.18 -10.61 16.37
N LEU B 203 -14.43 -10.62 17.68
CA LEU B 203 -13.62 -11.39 18.62
C LEU B 203 -14.03 -12.85 18.65
N ALA B 204 -15.33 -13.10 18.58
CA ALA B 204 -15.88 -14.45 18.48
C ALA B 204 -15.31 -15.21 17.28
N LYS B 205 -14.96 -14.46 16.22
CA LYS B 205 -14.40 -15.01 14.98
C LYS B 205 -13.01 -15.62 15.21
N LEU B 206 -12.36 -15.21 16.29
CA LEU B 206 -11.00 -15.67 16.61
C LEU B 206 -10.97 -16.80 17.63
N GLN B 207 -12.15 -17.30 18.00
CA GLN B 207 -12.29 -18.38 18.99
C GLN B 207 -11.94 -19.75 18.45
N ASP B 208 -10.64 -19.99 18.26
CA ASP B 208 -10.13 -21.31 17.91
C ASP B 208 -8.62 -21.37 18.19
N PRO B 209 -7.98 -22.54 17.98
CA PRO B 209 -6.58 -22.64 18.39
C PRO B 209 -5.59 -21.92 17.47
N PHE B 210 -5.94 -21.76 16.20
CA PHE B 210 -4.98 -21.34 15.18
C PHE B 210 -5.00 -19.87 14.74
N SER B 211 -6.20 -19.31 14.60
CA SER B 211 -6.38 -17.97 13.99
C SER B 211 -5.50 -16.88 14.63
N LEU B 212 -5.58 -16.78 15.95
CA LEU B 212 -4.86 -15.77 16.70
C LEU B 212 -3.82 -16.42 17.62
N TYR B 213 -4.13 -17.61 18.12
CA TYR B 213 -3.38 -18.20 19.22
C TYR B 213 -2.09 -18.93 18.85
N ARG B 214 -1.66 -18.78 17.60
CA ARG B 214 -0.34 -19.23 17.19
C ARG B 214 0.74 -18.21 17.51
N CYS B 215 0.33 -17.00 17.92
CA CYS B 215 1.31 -16.03 18.39
C CYS B 215 1.79 -16.43 19.76
N HIS B 216 3.09 -16.65 19.87
CA HIS B 216 3.72 -16.93 21.14
C HIS B 216 4.53 -15.71 21.59
N THR B 217 4.24 -14.57 20.98
CA THR B 217 4.95 -13.30 21.24
C THR B 217 6.46 -13.40 20.99
N ILE B 218 6.81 -13.75 19.75
CA ILE B 218 8.20 -13.84 19.29
C ILE B 218 8.71 -12.44 18.93
N MET B 219 7.77 -11.57 18.57
CA MET B 219 8.03 -10.14 18.33
C MET B 219 8.95 -9.83 17.16
N ASN B 220 9.16 -10.79 16.26
CA ASN B 220 9.84 -10.51 14.99
C ASN B 220 9.13 -9.46 14.15
N CYS B 221 7.79 -9.51 14.12
CA CYS B 221 6.97 -8.62 13.32
C CYS B 221 7.27 -7.11 13.52
N THR B 222 7.09 -6.64 14.75
CA THR B 222 7.34 -5.26 15.12
C THR B 222 8.78 -4.85 14.80
N GLY B 223 9.70 -5.80 14.95
CA GLY B 223 11.11 -5.55 14.68
C GLY B 223 11.45 -5.37 13.22
N THR B 224 10.57 -5.82 12.33
CA THR B 224 10.85 -5.79 10.91
C THR B 224 10.07 -4.70 10.16
N CYS B 225 8.97 -4.24 10.76
CA CYS B 225 8.04 -3.29 10.12
C CYS B 225 8.74 -2.11 9.47
N PRO B 226 8.42 -1.83 8.19
CA PRO B 226 9.02 -0.69 7.51
C PRO B 226 8.42 0.63 8.00
N LYS B 227 7.25 0.55 8.62
CA LYS B 227 6.48 1.75 8.99
C LYS B 227 6.55 2.13 10.46
N GLY B 228 7.20 1.27 11.26
CA GLY B 228 7.39 1.54 12.68
C GLY B 228 6.18 1.16 13.51
N LEU B 229 5.19 0.56 12.85
CA LEU B 229 3.99 0.08 13.52
C LEU B 229 4.32 -1.10 14.41
N ASN B 230 3.40 -1.43 15.30
CA ASN B 230 3.65 -2.43 16.32
C ASN B 230 2.61 -3.54 16.35
N PRO B 231 2.69 -4.49 15.40
CA PRO B 231 1.71 -5.59 15.31
C PRO B 231 1.54 -6.33 16.63
N GLY B 232 2.62 -6.90 17.16
CA GLY B 232 2.59 -7.62 18.43
C GLY B 232 1.84 -6.90 19.54
N LYS B 233 2.03 -5.59 19.65
CA LYS B 233 1.31 -4.78 20.64
C LYS B 233 -0.20 -4.96 20.49
N ALA B 234 -0.66 -5.01 19.25
CA ALA B 234 -2.07 -5.21 18.95
C ALA B 234 -2.50 -6.64 19.24
N ILE B 235 -1.68 -7.62 18.84
CA ILE B 235 -1.98 -9.02 19.16
C ILE B 235 -2.13 -9.14 20.68
N ALA B 236 -1.12 -8.73 21.42
CA ALA B 236 -1.17 -8.71 22.88
C ALA B 236 -2.50 -8.14 23.35
N GLU B 237 -2.86 -6.99 22.80
CA GLU B 237 -4.07 -6.27 23.16
C GLU B 237 -5.32 -7.04 22.75
N ILE B 238 -5.29 -7.69 21.59
CA ILE B 238 -6.42 -8.51 21.13
C ILE B 238 -6.70 -9.60 22.14
N LYS B 239 -5.63 -10.29 22.56
CA LYS B 239 -5.75 -11.39 23.48
C LYS B 239 -6.40 -10.94 24.78
N LYS B 240 -6.00 -9.76 25.25
CA LYS B 240 -6.59 -9.15 26.45
C LYS B 240 -8.11 -9.03 26.35
N MET B 241 -8.59 -8.56 25.20
CA MET B 241 -10.01 -8.38 24.97
C MET B 241 -10.71 -9.72 24.95
N MET B 242 -10.11 -10.68 24.24
CA MET B 242 -10.65 -12.05 24.10
C MET B 242 -10.90 -12.69 25.46
N ALA B 243 -10.05 -12.38 26.42
CA ALA B 243 -10.16 -12.91 27.77
C ALA B 243 -11.22 -12.21 28.62
N THR B 244 -11.52 -10.96 28.29
CA THR B 244 -12.32 -10.10 29.17
C THR B 244 -13.69 -9.65 28.66
N TYR B 245 -13.99 -9.87 27.37
CA TYR B 245 -15.31 -9.50 26.83
C TYR B 245 -16.45 -10.37 27.37
N LYS B 246 -17.67 -9.83 27.38
CA LYS B 246 -18.82 -10.50 28.01
C LYS B 246 -19.88 -10.99 27.03
N GLU B 247 -20.51 -12.12 27.38
CA GLU B 247 -21.60 -12.76 26.60
C GLU B 247 -21.29 -12.88 25.11
N THR C 3 -16.83 -15.14 -4.97
CA THR C 3 -15.51 -15.68 -4.53
C THR C 3 -15.22 -15.27 -3.07
N THR C 4 -15.56 -16.16 -2.14
CA THR C 4 -15.37 -15.92 -0.71
C THR C 4 -13.91 -16.12 -0.33
N ALA C 5 -13.55 -15.68 0.87
CA ALA C 5 -12.16 -15.79 1.36
C ALA C 5 -11.70 -17.25 1.52
N LYS C 6 -12.63 -18.13 1.89
CA LYS C 6 -12.36 -19.55 2.09
C LYS C 6 -12.09 -20.27 0.76
N GLU C 7 -12.77 -19.84 -0.29
CA GLU C 7 -12.57 -20.40 -1.63
C GLU C 7 -11.23 -19.96 -2.23
N GLU C 8 -10.81 -18.74 -1.91
CA GLU C 8 -9.54 -18.18 -2.40
C GLU C 8 -8.35 -18.96 -1.88
N MET C 9 -8.43 -19.40 -0.63
CA MET C 9 -7.36 -20.13 0.04
C MET C 9 -7.23 -21.56 -0.47
N GLU C 10 -8.36 -22.22 -0.70
CA GLU C 10 -8.35 -23.59 -1.21
C GLU C 10 -7.71 -23.61 -2.60
N ARG C 11 -7.88 -22.52 -3.34
CA ARG C 11 -7.30 -22.38 -4.69
C ARG C 11 -5.81 -22.02 -4.69
N PHE C 12 -5.37 -21.33 -3.64
CA PHE C 12 -3.96 -21.00 -3.45
C PHE C 12 -3.13 -22.26 -3.21
N TRP C 13 -3.63 -23.14 -2.35
CA TRP C 13 -2.94 -24.38 -1.99
C TRP C 13 -3.04 -25.42 -3.10
N ASN C 14 -4.13 -25.37 -3.85
CA ASN C 14 -4.30 -26.23 -5.03
C ASN C 14 -3.32 -25.89 -6.14
N LYS C 15 -3.08 -24.59 -6.32
CA LYS C 15 -2.17 -24.13 -7.37
C LYS C 15 -0.71 -24.45 -7.04
N ASN C 16 -0.27 -24.04 -5.86
CA ASN C 16 1.15 -24.06 -5.51
C ASN C 16 1.76 -25.44 -5.28
N LEU C 17 1.03 -26.30 -4.58
CA LEU C 17 1.47 -27.68 -4.34
C LEU C 17 1.55 -28.46 -5.65
N GLY C 18 0.62 -28.17 -6.56
CA GLY C 18 0.60 -28.82 -7.87
C GLY C 18 1.53 -28.19 -8.91
N SER C 19 2.31 -27.20 -8.47
CA SER C 19 3.25 -26.50 -9.34
C SER C 19 4.70 -26.81 -8.95
N ASN C 20 5.61 -26.62 -9.90
CA ASN C 20 7.04 -26.80 -9.65
C ASN C 20 7.70 -25.59 -9.00
N ARG C 21 6.90 -24.78 -8.31
CA ARG C 21 7.36 -23.58 -7.63
C ARG C 21 8.13 -23.96 -6.37
N PRO C 22 9.31 -23.35 -6.17
CA PRO C 22 10.09 -23.60 -4.96
C PRO C 22 9.60 -22.73 -3.81
N LEU C 23 9.96 -23.12 -2.59
CA LEU C 23 9.65 -22.31 -1.41
C LEU C 23 10.85 -21.40 -1.13
N SER C 24 10.55 -20.14 -0.79
CA SER C 24 11.58 -19.17 -0.45
C SER C 24 12.17 -19.48 0.92
N PRO C 25 13.51 -19.50 1.03
CA PRO C 25 14.22 -19.79 2.29
C PRO C 25 13.84 -18.86 3.46
N HIS C 26 13.76 -19.42 4.66
CA HIS C 26 13.32 -18.69 5.85
C HIS C 26 14.37 -18.56 6.97
N ILE C 27 14.47 -19.57 7.84
CA ILE C 27 15.45 -19.51 8.94
C ILE C 27 16.89 -19.51 8.45
N THR C 28 17.12 -20.17 7.31
CA THR C 28 18.44 -20.29 6.71
C THR C 28 19.01 -18.91 6.38
N ILE C 29 18.13 -17.95 6.15
CA ILE C 29 18.54 -16.63 5.69
C ILE C 29 18.13 -15.49 6.63
N TYR C 30 17.08 -15.70 7.42
CA TYR C 30 16.57 -14.63 8.29
C TYR C 30 17.51 -14.32 9.45
N ARG C 31 17.64 -13.04 9.78
CA ARG C 31 18.67 -12.56 10.71
C ARG C 31 18.41 -12.84 12.19
N TRP C 32 19.45 -13.29 12.87
CA TRP C 32 19.39 -13.57 14.31
C TRP C 32 19.26 -12.28 15.12
N SER C 33 18.19 -12.23 15.91
CA SER C 33 17.97 -11.13 16.85
C SER C 33 17.82 -11.71 18.24
N LEU C 34 18.23 -10.94 19.25
CA LEU C 34 18.09 -11.36 20.65
C LEU C 34 16.67 -11.83 20.98
N PRO C 35 15.62 -11.04 20.61
CA PRO C 35 14.25 -11.46 20.94
C PRO C 35 13.92 -12.85 20.44
N MET C 36 14.27 -13.15 19.19
CA MET C 36 14.02 -14.47 18.60
C MET C 36 14.76 -15.55 19.36
N ALA C 37 16.09 -15.43 19.43
CA ALA C 37 16.92 -16.40 20.15
C ALA C 37 16.45 -16.69 21.60
N MET C 38 15.76 -15.73 22.22
CA MET C 38 15.27 -15.91 23.58
C MET C 38 13.92 -16.65 23.65
N SER C 39 13.16 -16.58 22.57
CA SER C 39 11.95 -17.36 22.47
C SER C 39 12.27 -18.81 22.12
N ILE C 40 13.26 -19.02 21.25
CA ILE C 40 13.72 -20.37 20.94
C ILE C 40 14.19 -21.07 22.22
N CYS C 41 15.02 -20.38 23.00
CA CYS C 41 15.53 -20.92 24.27
C CYS C 41 14.44 -21.19 25.28
N HIS C 42 13.38 -20.38 25.26
CA HIS C 42 12.25 -20.60 26.15
C HIS C 42 11.53 -21.91 25.88
N ARG C 43 11.42 -22.29 24.61
CA ARG C 43 10.90 -23.61 24.21
C ARG C 43 11.78 -24.72 24.75
N GLY C 44 13.06 -24.64 24.43
CA GLY C 44 14.04 -25.67 24.78
C GLY C 44 14.11 -25.92 26.27
N THR C 45 14.21 -24.84 27.04
CA THR C 45 14.18 -24.93 28.50
C THR C 45 12.89 -25.59 28.96
N GLY C 46 11.77 -25.10 28.43
CA GLY C 46 10.46 -25.68 28.71
C GLY C 46 10.37 -27.16 28.35
N ILE C 47 10.84 -27.51 27.16
CA ILE C 47 10.88 -28.90 26.71
C ILE C 47 11.76 -29.74 27.64
N ALA C 48 13.02 -29.30 27.81
CA ALA C 48 13.97 -29.98 28.67
C ALA C 48 13.45 -30.15 30.11
N LEU C 49 12.80 -29.11 30.63
CA LEU C 49 12.28 -29.12 31.98
C LEU C 49 11.15 -30.14 32.19
N SER C 50 10.24 -30.25 31.22
CA SER C 50 9.19 -31.25 31.27
C SER C 50 9.79 -32.64 31.14
N ALA C 51 10.77 -32.78 30.26
CA ALA C 51 11.50 -34.02 30.06
C ALA C 51 12.08 -34.56 31.38
N GLY C 52 12.48 -33.64 32.26
CA GLY C 52 13.00 -34.00 33.58
C GLY C 52 11.91 -34.36 34.57
N VAL C 53 10.84 -33.59 34.58
CA VAL C 53 9.69 -33.82 35.46
C VAL C 53 9.01 -35.16 35.10
N SER C 54 9.02 -35.49 33.81
CA SER C 54 8.48 -36.76 33.33
C SER C 54 9.40 -37.90 33.74
N LEU C 55 10.70 -37.72 33.57
CA LEU C 55 11.66 -38.75 33.98
C LEU C 55 11.61 -39.03 35.48
N PHE C 56 11.49 -37.97 36.29
CA PHE C 56 11.44 -38.09 37.74
C PHE C 56 10.18 -38.82 38.21
N GLY C 57 9.06 -38.53 37.57
CA GLY C 57 7.77 -39.13 37.93
C GLY C 57 7.64 -40.54 37.40
N LEU C 58 8.12 -40.75 36.18
CA LEU C 58 8.03 -42.03 35.51
C LEU C 58 8.90 -43.08 36.19
N SER C 59 10.08 -42.66 36.64
CA SER C 59 11.01 -43.55 37.34
C SER C 59 10.55 -43.87 38.77
N ALA C 60 9.69 -43.03 39.32
CA ALA C 60 9.08 -43.27 40.63
C ALA C 60 8.10 -44.43 40.56
N LEU C 61 7.76 -44.85 39.34
CA LEU C 61 6.81 -45.93 39.09
C LEU C 61 7.46 -47.17 38.51
N LEU C 62 8.59 -47.00 37.84
CA LEU C 62 9.23 -48.10 37.11
C LEU C 62 10.44 -48.70 37.83
N LEU C 63 11.31 -47.85 38.33
CA LEU C 63 12.57 -48.30 38.94
C LEU C 63 12.41 -48.78 40.39
N PRO C 64 13.16 -49.83 40.77
CA PRO C 64 13.07 -50.40 42.11
C PRO C 64 13.79 -49.56 43.17
N GLY C 65 13.41 -49.74 44.43
CA GLY C 65 14.06 -49.05 45.55
C GLY C 65 13.55 -47.65 45.79
N ASN C 66 13.88 -47.10 46.96
CA ASN C 66 13.44 -45.76 47.35
C ASN C 66 14.35 -44.67 46.79
N PHE C 67 14.11 -43.42 47.19
CA PHE C 67 14.90 -42.29 46.72
C PHE C 67 16.31 -42.29 47.30
N GLU C 68 16.42 -42.54 48.62
CA GLU C 68 17.72 -42.63 49.28
C GLU C 68 18.60 -43.66 48.60
N SER C 69 18.02 -44.83 48.33
CA SER C 69 18.68 -45.91 47.58
C SER C 69 19.38 -45.39 46.32
N HIS C 70 18.71 -44.50 45.59
CA HIS C 70 19.26 -43.91 44.38
C HIS C 70 20.33 -42.86 44.69
N LEU C 71 20.17 -42.15 45.80
CA LEU C 71 21.16 -41.15 46.21
C LEU C 71 22.47 -41.78 46.68
N GLU C 72 22.40 -42.97 47.28
CA GLU C 72 23.59 -43.69 47.71
C GLU C 72 24.36 -44.23 46.51
N LEU C 73 23.67 -44.40 45.39
CA LEU C 73 24.29 -44.82 44.14
C LEU C 73 25.02 -43.65 43.48
N VAL C 74 24.51 -42.45 43.75
CA VAL C 74 25.16 -41.21 43.31
C VAL C 74 26.44 -40.98 44.11
N LYS C 75 26.38 -41.21 45.41
CA LYS C 75 27.54 -41.10 46.29
C LYS C 75 28.65 -42.07 45.89
N SER C 76 28.25 -43.24 45.40
CA SER C 76 29.17 -44.33 45.07
C SER C 76 30.00 -44.11 43.80
N LEU C 77 29.47 -43.35 42.85
CA LEU C 77 30.14 -43.14 41.56
C LEU C 77 31.31 -42.15 41.63
N CYS C 78 32.15 -42.30 42.66
CA CYS C 78 33.33 -41.46 42.88
C CYS C 78 33.02 -39.96 42.75
N LEU C 79 32.47 -39.39 43.82
CA LEU C 79 32.02 -38.01 43.84
C LEU C 79 33.12 -37.00 43.51
N GLY C 80 32.92 -36.23 42.44
CA GLY C 80 33.83 -35.15 42.09
C GLY C 80 33.58 -33.95 42.99
N PRO C 81 34.64 -33.18 43.31
CA PRO C 81 34.50 -32.00 44.17
C PRO C 81 33.64 -30.91 43.52
N THR C 82 34.18 -30.25 42.50
CA THR C 82 33.47 -29.21 41.76
C THR C 82 32.57 -29.82 40.68
N LEU C 83 32.84 -31.08 40.34
CA LEU C 83 32.05 -31.81 39.33
C LEU C 83 30.60 -32.00 39.77
N ILE C 84 30.35 -31.91 41.07
CA ILE C 84 28.99 -32.00 41.62
C ILE C 84 28.27 -30.66 41.56
N TYR C 85 29.05 -29.58 41.56
CA TYR C 85 28.54 -28.22 41.43
C TYR C 85 28.14 -27.94 39.97
N THR C 86 28.68 -28.73 39.05
CA THR C 86 28.39 -28.62 37.63
C THR C 86 27.01 -29.17 37.28
N ALA C 87 26.76 -30.43 37.66
CA ALA C 87 25.45 -31.06 37.43
C ALA C 87 24.35 -30.28 38.14
N LYS C 88 24.71 -29.67 39.27
CA LYS C 88 23.82 -28.83 40.06
C LYS C 88 23.51 -27.51 39.33
N PHE C 89 24.49 -27.00 38.60
CA PHE C 89 24.33 -25.79 37.78
C PHE C 89 23.60 -26.11 36.48
N GLY C 90 23.94 -27.25 35.87
CA GLY C 90 23.29 -27.71 34.64
C GLY C 90 21.81 -28.00 34.81
N ILE C 91 21.43 -28.39 36.02
CA ILE C 91 20.02 -28.57 36.40
C ILE C 91 19.32 -27.22 36.60
N VAL C 92 20.00 -26.29 37.26
CA VAL C 92 19.36 -25.06 37.71
C VAL C 92 19.38 -23.92 36.68
N PHE C 93 20.31 -23.99 35.73
CA PHE C 93 20.47 -22.92 34.73
C PHE C 93 19.25 -22.78 33.81
N PRO C 94 18.75 -23.91 33.25
CA PRO C 94 17.59 -23.80 32.39
C PRO C 94 16.34 -23.42 33.18
N LEU C 95 16.23 -23.92 34.40
CA LEU C 95 15.07 -23.66 35.25
C LEU C 95 14.95 -22.18 35.57
N MET C 96 16.06 -21.56 35.97
CA MET C 96 16.09 -20.13 36.24
C MET C 96 15.79 -19.28 35.01
N TYR C 97 16.45 -19.58 33.88
CA TYR C 97 16.21 -18.86 32.63
C TYR C 97 14.74 -18.87 32.26
N HIS C 98 14.15 -20.06 32.24
CA HIS C 98 12.74 -20.24 31.89
C HIS C 98 11.82 -19.54 32.87
N THR C 99 12.18 -19.56 34.16
CA THR C 99 11.42 -18.84 35.18
C THR C 99 11.42 -17.33 34.93
N TRP C 100 12.60 -16.72 34.82
CA TRP C 100 12.65 -15.26 34.59
C TRP C 100 11.95 -14.87 33.30
N ASN C 101 12.38 -15.44 32.17
CA ASN C 101 11.76 -15.15 30.87
C ASN C 101 10.26 -15.40 30.88
N GLY C 102 9.83 -16.37 31.69
CA GLY C 102 8.42 -16.67 31.92
C GLY C 102 7.67 -15.49 32.52
N ILE C 103 8.31 -14.82 33.48
CA ILE C 103 7.78 -13.57 34.04
C ILE C 103 7.68 -12.54 32.93
N ARG C 104 8.72 -12.47 32.10
CA ARG C 104 8.75 -11.52 30.99
C ARG C 104 7.57 -11.76 30.07
N HIS C 105 7.30 -13.03 29.78
CA HIS C 105 6.15 -13.41 28.96
C HIS C 105 4.83 -12.97 29.59
N LEU C 106 4.69 -13.20 30.90
CA LEU C 106 3.50 -12.75 31.65
C LEU C 106 3.32 -11.24 31.63
N ILE C 107 4.43 -10.50 31.72
CA ILE C 107 4.42 -9.03 31.61
C ILE C 107 3.99 -8.56 30.20
N TRP C 108 4.40 -9.29 29.17
CA TRP C 108 3.88 -9.02 27.83
C TRP C 108 2.37 -9.35 27.75
N ASP C 109 1.97 -10.46 28.37
CA ASP C 109 0.57 -10.88 28.37
C ASP C 109 -0.35 -9.82 28.98
N LEU C 110 0.24 -8.94 29.80
CA LEU C 110 -0.48 -7.81 30.39
C LEU C 110 -0.50 -6.59 29.47
N GLY C 111 0.41 -6.55 28.51
CA GLY C 111 0.45 -5.47 27.52
C GLY C 111 1.63 -4.53 27.67
N LYS C 112 2.46 -4.79 28.67
CA LYS C 112 3.58 -3.91 29.02
C LYS C 112 4.87 -4.32 28.33
N GLY C 113 5.76 -3.34 28.13
CA GLY C 113 7.10 -3.56 27.59
C GLY C 113 7.22 -4.19 26.20
N LEU C 114 6.27 -3.90 25.32
CA LEU C 114 6.29 -4.45 23.97
C LEU C 114 6.78 -3.47 22.90
N THR C 115 8.01 -2.99 23.07
CA THR C 115 8.66 -2.10 22.10
C THR C 115 10.09 -2.56 21.90
N ILE C 116 10.64 -2.34 20.69
CA ILE C 116 11.97 -2.87 20.36
C ILE C 116 13.06 -2.48 21.39
N PRO C 117 13.10 -1.20 21.83
CA PRO C 117 14.02 -0.88 22.92
C PRO C 117 13.75 -1.70 24.19
N GLN C 118 12.50 -1.79 24.62
CA GLN C 118 12.13 -2.52 25.83
C GLN C 118 12.39 -4.04 25.76
N LEU C 119 12.41 -4.59 24.56
CA LEU C 119 12.76 -6.01 24.39
C LEU C 119 14.25 -6.27 24.62
N THR C 120 15.09 -5.40 24.07
CA THR C 120 16.54 -5.52 24.26
C THR C 120 16.93 -5.38 25.74
N GLN C 121 16.32 -4.43 26.44
CA GLN C 121 16.60 -4.21 27.87
C GLN C 121 16.11 -5.38 28.74
N SER C 122 14.80 -5.61 28.76
CA SER C 122 14.21 -6.70 29.54
C SER C 122 14.85 -8.06 29.25
N GLY C 123 15.15 -8.32 27.98
CA GLY C 123 15.88 -9.52 27.56
C GLY C 123 17.27 -9.65 28.16
N VAL C 124 18.04 -8.56 28.09
CA VAL C 124 19.38 -8.51 28.70
C VAL C 124 19.31 -8.65 30.21
N VAL C 125 18.29 -8.06 30.83
CA VAL C 125 18.06 -8.17 32.27
C VAL C 125 17.81 -9.61 32.67
N VAL C 126 16.96 -10.32 31.91
CA VAL C 126 16.70 -11.74 32.15
C VAL C 126 18.02 -12.51 32.18
N LEU C 127 18.84 -12.35 31.14
CA LEU C 127 20.12 -13.07 31.06
C LEU C 127 20.97 -12.89 32.31
N ILE C 128 21.18 -11.63 32.70
CA ILE C 128 21.92 -11.29 33.92
C ILE C 128 21.29 -11.94 35.17
N LEU C 129 19.96 -11.86 35.26
CA LEU C 129 19.20 -12.51 36.35
C LEU C 129 19.32 -14.03 36.37
N THR C 130 19.42 -14.64 35.19
CA THR C 130 19.61 -16.08 35.07
C THR C 130 20.99 -16.45 35.63
N VAL C 131 22.04 -15.86 35.05
CA VAL C 131 23.42 -16.13 35.46
C VAL C 131 23.63 -15.98 36.98
N LEU C 132 23.10 -14.90 37.56
CA LEU C 132 23.28 -14.63 38.99
C LEU C 132 22.53 -15.59 39.90
N SER C 133 21.25 -15.86 39.59
CA SER C 133 20.47 -16.81 40.40
C SER C 133 20.84 -18.27 40.13
N SER C 134 21.54 -18.51 39.02
CA SER C 134 22.08 -19.84 38.71
C SER C 134 23.36 -20.13 39.49
N VAL C 135 24.26 -19.15 39.53
CA VAL C 135 25.48 -19.22 40.34
C VAL C 135 25.11 -19.18 41.83
N GLY C 136 24.03 -18.49 42.14
CA GLY C 136 23.52 -18.38 43.52
C GLY C 136 22.89 -19.63 44.09
N LEU C 137 21.98 -20.25 43.34
CA LEU C 137 21.28 -21.45 43.82
C LEU C 137 22.18 -22.68 43.97
N ALA C 138 23.03 -22.93 42.97
CA ALA C 138 23.94 -24.07 43.00
C ALA C 138 24.88 -24.03 44.23
N ALA C 139 25.07 -22.83 44.77
CA ALA C 139 25.93 -22.63 45.95
C ALA C 139 25.25 -22.93 47.29
N MET C 140 23.92 -23.04 47.30
CA MET C 140 23.17 -23.30 48.52
C MET C 140 23.46 -24.68 49.12
N SER D 2 -21.21 -21.96 20.27
CA SER D 2 -20.59 -20.60 20.21
C SER D 2 -19.80 -20.30 21.49
N SER D 3 -19.01 -21.28 21.93
CA SER D 3 -18.24 -21.22 23.18
C SER D 3 -17.02 -20.29 23.09
N LYS D 4 -16.38 -20.06 24.22
CA LYS D 4 -15.14 -19.29 24.29
C LYS D 4 -14.00 -20.19 24.79
N ALA D 5 -13.92 -21.39 24.22
CA ALA D 5 -13.01 -22.44 24.68
C ALA D 5 -11.53 -22.15 24.47
N ALA D 6 -11.21 -21.41 23.41
CA ALA D 6 -9.82 -21.07 23.08
C ALA D 6 -9.25 -20.00 24.01
N SER D 7 -10.04 -18.98 24.32
CA SER D 7 -9.58 -17.89 25.20
C SER D 7 -9.57 -18.31 26.67
N LEU D 8 -10.48 -19.21 27.04
CA LEU D 8 -10.51 -19.77 28.40
C LEU D 8 -9.30 -20.65 28.66
N HIS D 9 -8.83 -21.32 27.62
CA HIS D 9 -7.62 -22.14 27.67
C HIS D 9 -6.44 -21.24 27.99
N TRP D 10 -6.34 -20.17 27.20
CA TRP D 10 -5.30 -19.18 27.32
C TRP D 10 -5.25 -18.57 28.73
N THR D 11 -6.41 -18.13 29.24
CA THR D 11 -6.46 -17.53 30.57
C THR D 11 -6.12 -18.55 31.66
N GLY D 12 -6.51 -19.81 31.42
CA GLY D 12 -6.15 -20.93 32.28
C GLY D 12 -4.65 -21.17 32.32
N GLU D 13 -4.01 -21.13 31.16
CA GLU D 13 -2.55 -21.26 31.05
C GLU D 13 -1.80 -20.21 31.87
N ARG D 14 -2.21 -18.95 31.74
CA ARG D 14 -1.56 -17.85 32.46
C ARG D 14 -1.82 -17.94 33.96
N VAL D 15 -3.00 -18.42 34.32
CA VAL D 15 -3.36 -18.63 35.72
C VAL D 15 -2.38 -19.59 36.38
N VAL D 16 -2.30 -20.83 35.88
CA VAL D 16 -1.39 -21.83 36.43
C VAL D 16 0.08 -21.42 36.31
N SER D 17 0.39 -20.61 35.29
CA SER D 17 1.74 -20.04 35.17
C SER D 17 2.06 -19.15 36.35
N VAL D 18 1.19 -18.18 36.68
CA VAL D 18 1.41 -17.31 37.85
C VAL D 18 1.25 -18.07 39.17
N LEU D 19 0.58 -19.23 39.10
CA LEU D 19 0.36 -20.06 40.26
C LEU D 19 1.60 -20.91 40.57
N LEU D 20 2.26 -21.39 39.53
CA LEU D 20 3.50 -22.16 39.66
C LEU D 20 4.64 -21.24 40.14
N LEU D 21 4.62 -20.01 39.65
CA LEU D 21 5.54 -18.97 40.08
C LEU D 21 5.23 -18.57 41.51
N GLY D 22 4.00 -18.80 41.94
CA GLY D 22 3.62 -18.62 43.33
C GLY D 22 4.20 -19.71 44.20
N LEU D 23 4.21 -20.95 43.69
CA LEU D 23 4.56 -22.12 44.50
C LEU D 23 6.06 -22.37 44.67
N LEU D 24 6.88 -21.96 43.71
CA LEU D 24 8.32 -22.18 43.81
C LEU D 24 8.99 -21.48 45.01
N PRO D 25 8.71 -20.18 45.23
CA PRO D 25 9.14 -19.57 46.50
C PRO D 25 8.37 -20.10 47.71
N ALA D 26 7.08 -20.39 47.53
CA ALA D 26 6.23 -20.88 48.61
C ALA D 26 6.60 -22.29 49.07
N ALA D 27 7.41 -22.98 48.26
CA ALA D 27 7.86 -24.34 48.60
C ALA D 27 9.16 -24.35 49.40
N TYR D 28 10.09 -23.45 49.05
CA TYR D 28 11.38 -23.32 49.76
C TYR D 28 11.11 -22.85 51.18
N LEU D 29 10.38 -21.74 51.29
CA LEU D 29 9.85 -21.29 52.57
C LEU D 29 8.67 -22.21 52.87
N ASN D 30 8.74 -22.91 54.00
CA ASN D 30 7.67 -23.83 54.41
C ASN D 30 7.37 -25.00 53.42
N PRO D 31 8.22 -26.04 53.43
CA PRO D 31 7.94 -27.26 52.67
C PRO D 31 7.11 -28.24 53.49
N CYS D 32 6.08 -28.82 52.87
CA CYS D 32 5.18 -29.72 53.58
C CYS D 32 4.50 -30.68 52.61
N SER D 33 3.76 -31.64 53.16
CA SER D 33 2.97 -32.58 52.37
C SER D 33 2.05 -31.83 51.39
N ALA D 34 1.30 -30.86 51.91
CA ALA D 34 0.34 -30.07 51.13
C ALA D 34 0.97 -29.40 49.90
N MET D 35 2.22 -28.98 50.03
CA MET D 35 2.94 -28.27 48.97
C MET D 35 3.43 -29.19 47.86
N ASP D 36 3.80 -30.42 48.23
CA ASP D 36 4.30 -31.40 47.28
C ASP D 36 3.28 -31.82 46.21
N TYR D 37 2.03 -31.98 46.62
CA TYR D 37 0.97 -32.40 45.69
C TYR D 37 0.55 -31.27 44.76
N SER D 38 0.43 -30.06 45.32
CA SER D 38 0.08 -28.88 44.51
C SER D 38 1.19 -28.49 43.54
N LEU D 39 2.43 -28.86 43.86
CA LEU D 39 3.55 -28.67 42.97
C LEU D 39 3.49 -29.68 41.83
N ALA D 40 3.14 -30.92 42.18
CA ALA D 40 2.94 -31.98 41.19
C ALA D 40 1.80 -31.65 40.23
N ALA D 41 0.73 -31.08 40.79
CA ALA D 41 -0.42 -30.63 40.03
C ALA D 41 0.02 -29.57 39.01
N ALA D 42 0.47 -28.43 39.52
CA ALA D 42 0.88 -27.31 38.69
C ALA D 42 1.98 -27.68 37.70
N LEU D 43 2.98 -28.42 38.18
CA LEU D 43 4.13 -28.83 37.38
C LEU D 43 3.72 -29.61 36.13
N THR D 44 2.92 -30.66 36.29
CA THR D 44 2.51 -31.52 35.17
C THR D 44 1.47 -30.86 34.28
N LEU D 45 0.61 -30.03 34.89
CA LEU D 45 -0.44 -29.33 34.15
C LEU D 45 0.16 -28.26 33.25
N HIS D 46 0.88 -27.30 33.83
CA HIS D 46 1.59 -26.25 33.08
C HIS D 46 2.46 -26.89 32.01
N GLY D 47 3.16 -27.95 32.40
CA GLY D 47 3.93 -28.78 31.47
C GLY D 47 3.12 -29.38 30.33
N HIS D 48 1.98 -29.99 30.67
CA HIS D 48 1.11 -30.61 29.67
C HIS D 48 0.63 -29.61 28.62
N TRP D 49 0.08 -28.49 29.08
CA TRP D 49 -0.42 -27.42 28.21
C TRP D 49 0.71 -26.77 27.40
N GLY D 50 1.92 -26.78 27.95
CA GLY D 50 3.10 -26.27 27.26
C GLY D 50 3.47 -27.11 26.05
N ILE D 51 3.60 -28.42 26.26
CA ILE D 51 3.83 -29.38 25.17
C ILE D 51 2.67 -29.36 24.16
N GLY D 52 1.44 -29.20 24.66
CA GLY D 52 0.27 -29.01 23.81
C GLY D 52 0.50 -28.03 22.67
N GLN D 53 1.07 -26.88 23.00
CA GLN D 53 1.39 -25.81 22.04
C GLN D 53 2.45 -26.23 21.04
N VAL D 54 3.53 -26.84 21.52
CA VAL D 54 4.60 -27.34 20.65
C VAL D 54 4.04 -28.38 19.67
N VAL D 55 3.19 -29.27 20.17
CA VAL D 55 2.50 -30.27 19.34
C VAL D 55 1.69 -29.58 18.25
N THR D 56 0.77 -28.70 18.63
CA THR D 56 -0.09 -28.00 17.67
C THR D 56 0.70 -27.15 16.68
N ASP D 57 1.86 -26.65 17.08
CA ASP D 57 2.73 -25.85 16.22
C ASP D 57 3.42 -26.70 15.15
N TYR D 58 4.10 -27.75 15.61
CA TYR D 58 4.96 -28.54 14.72
C TYR D 58 4.35 -29.80 14.10
N VAL D 59 3.41 -30.44 14.81
CA VAL D 59 2.84 -31.71 14.34
C VAL D 59 1.77 -31.47 13.26
N ARG D 60 2.18 -31.61 12.01
CA ARG D 60 1.33 -31.27 10.86
C ARG D 60 0.42 -32.41 10.46
N GLY D 61 -0.82 -32.07 10.12
CA GLY D 61 -1.81 -33.06 9.71
C GLY D 61 -2.66 -33.54 10.87
N ASP D 62 -3.96 -33.69 10.61
CA ASP D 62 -4.93 -34.12 11.62
C ASP D 62 -4.73 -35.55 12.14
N ALA D 63 -4.25 -36.45 11.27
CA ALA D 63 -3.97 -37.84 11.63
C ALA D 63 -2.97 -37.97 12.77
N LEU D 64 -1.82 -37.31 12.61
CA LEU D 64 -0.76 -37.29 13.64
C LEU D 64 -1.10 -36.40 14.83
N GLN D 65 -1.92 -35.38 14.59
CA GLN D 65 -2.32 -34.40 15.63
C GLN D 65 -3.03 -35.07 16.80
N LYS D 66 -3.98 -35.96 16.49
CA LYS D 66 -4.75 -36.66 17.52
C LYS D 66 -3.87 -37.67 18.30
N ALA D 67 -2.99 -38.35 17.57
CA ALA D 67 -2.10 -39.36 18.15
C ALA D 67 -1.13 -38.73 19.14
N ALA D 68 -0.46 -37.65 18.71
CA ALA D 68 0.46 -36.91 19.57
C ALA D 68 -0.24 -36.44 20.83
N LYS D 69 -1.43 -35.87 20.68
CA LYS D 69 -2.23 -35.41 21.82
C LYS D 69 -2.54 -36.51 22.83
N ALA D 70 -3.05 -37.64 22.33
CA ALA D 70 -3.35 -38.80 23.15
C ALA D 70 -2.08 -39.36 23.78
N GLY D 71 -1.05 -39.52 22.95
CA GLY D 71 0.28 -39.96 23.41
C GLY D 71 0.84 -39.08 24.51
N LEU D 72 0.60 -37.78 24.38
CA LEU D 72 1.01 -36.82 25.39
C LEU D 72 0.13 -36.92 26.65
N LEU D 73 -1.18 -37.08 26.43
CA LEU D 73 -2.12 -37.24 27.55
C LEU D 73 -1.69 -38.38 28.47
N ALA D 74 -1.29 -39.50 27.86
CA ALA D 74 -0.81 -40.66 28.62
C ALA D 74 0.48 -40.33 29.37
N LEU D 75 1.44 -39.70 28.68
CA LEU D 75 2.71 -39.32 29.28
C LEU D 75 2.55 -38.33 30.45
N SER D 76 1.56 -37.46 30.36
CA SER D 76 1.22 -36.55 31.45
C SER D 76 0.54 -37.26 32.61
N ALA D 77 -0.49 -38.07 32.31
CA ALA D 77 -1.26 -38.77 33.34
C ALA D 77 -0.39 -39.71 34.18
N PHE D 78 0.61 -40.30 33.53
CA PHE D 78 1.60 -41.14 34.22
C PHE D 78 2.57 -40.32 35.03
N THR D 79 2.89 -39.13 34.53
CA THR D 79 3.81 -38.22 35.21
C THR D 79 3.18 -37.69 36.50
N PHE D 80 1.93 -37.23 36.43
CA PHE D 80 1.21 -36.75 37.61
C PHE D 80 1.04 -37.83 38.68
N ALA D 81 0.46 -38.97 38.30
CA ALA D 81 0.26 -40.09 39.22
C ALA D 81 1.59 -40.58 39.81
N GLY D 82 2.63 -40.54 38.98
CA GLY D 82 3.98 -40.93 39.37
C GLY D 82 4.57 -40.04 40.45
N LEU D 83 4.24 -38.75 40.39
CA LEU D 83 4.70 -37.80 41.40
C LEU D 83 3.88 -37.92 42.67
N CYS D 84 2.58 -38.14 42.52
CA CYS D 84 1.69 -38.34 43.65
C CYS D 84 2.05 -39.62 44.41
N TYR D 85 2.47 -40.64 43.67
CA TYR D 85 3.00 -41.86 44.29
C TYR D 85 4.23 -41.52 45.11
N PHE D 86 5.20 -40.87 44.46
CA PHE D 86 6.41 -40.40 45.11
C PHE D 86 6.12 -39.56 46.37
N ASN D 87 5.02 -38.82 46.34
CA ASN D 87 4.61 -37.97 47.45
C ASN D 87 4.07 -38.74 48.65
N TYR D 88 3.26 -39.77 48.38
CA TYR D 88 2.63 -40.58 49.43
C TYR D 88 3.56 -41.68 49.94
N HIS D 89 4.24 -42.35 49.00
CA HIS D 89 5.05 -43.53 49.30
C HIS D 89 6.56 -43.31 49.36
N ASP D 90 6.99 -42.07 49.18
CA ASP D 90 8.41 -41.72 49.34
C ASP D 90 8.56 -40.35 49.98
N VAL D 91 9.78 -39.81 49.88
CA VAL D 91 10.20 -38.61 50.58
C VAL D 91 9.46 -37.32 50.19
N GLY D 92 9.03 -37.21 48.94
CA GLY D 92 8.31 -36.02 48.47
C GLY D 92 9.22 -35.05 47.73
N ILE D 93 8.63 -34.26 46.83
CA ILE D 93 9.40 -33.39 45.94
C ILE D 93 10.34 -32.43 46.68
N CYS D 94 9.80 -31.70 47.66
CA CYS D 94 10.58 -30.74 48.44
C CYS D 94 11.81 -31.40 49.07
N LYS D 95 11.56 -32.34 49.99
CA LYS D 95 12.61 -33.06 50.71
C LYS D 95 13.56 -33.82 49.78
N ALA D 96 13.08 -34.22 48.60
CA ALA D 96 13.92 -34.93 47.62
C ALA D 96 14.96 -33.99 47.04
N VAL D 97 14.53 -32.77 46.73
CA VAL D 97 15.41 -31.70 46.28
C VAL D 97 16.36 -31.30 47.42
N ALA D 98 15.78 -31.11 48.62
CA ALA D 98 16.55 -30.77 49.82
C ALA D 98 17.72 -31.73 50.05
N MET D 99 17.46 -33.03 49.85
CA MET D 99 18.49 -34.06 49.97
C MET D 99 19.49 -33.97 48.84
N LEU D 100 19.00 -33.70 47.64
CA LEU D 100 19.85 -33.59 46.45
C LEU D 100 20.83 -32.44 46.57
N TRP D 101 20.40 -31.36 47.23
CA TRP D 101 21.21 -30.14 47.39
C TRP D 101 22.16 -30.25 48.58
N LYS D 102 21.84 -31.14 49.51
CA LYS D 102 22.69 -31.45 50.66
C LYS D 102 23.89 -32.32 50.22
N LEU D 103 23.78 -32.89 49.01
CA LEU D 103 24.84 -33.71 48.43
C LEU D 103 25.90 -32.84 47.73
PA FAD E . -4.83 4.98 -10.38
O1A FAD E . -5.04 5.27 -8.92
O2A FAD E . -3.49 5.49 -10.84
O5B FAD E . -4.90 3.41 -10.62
C5B FAD E . -4.93 2.94 -11.95
C4B FAD E . -5.36 1.48 -12.02
O4B FAD E . -5.39 1.09 -13.37
C3B FAD E . -4.36 0.59 -11.32
O3B FAD E . -5.10 -0.24 -10.45
C2B FAD E . -3.72 -0.23 -12.42
O2B FAD E . -3.53 -1.56 -12.01
C1B FAD E . -4.74 -0.17 -13.53
N9A FAD E . -4.17 -0.29 -14.88
C8A FAD E . -3.43 0.64 -15.57
N7A FAD E . -3.11 0.12 -16.79
C5A FAD E . -3.64 -1.12 -16.89
C6A FAD E . -3.61 -2.08 -17.90
N6A FAD E . -2.60 -2.07 -18.75
N1A FAD E . -4.27 -3.27 -17.69
C2A FAD E . -4.93 -3.54 -16.50
N3A FAD E . -4.95 -2.58 -15.52
C4A FAD E . -4.31 -1.39 -15.70
N1 FAD E . -5.32 14.01 -5.75
C2 FAD E . -6.19 14.54 -4.80
O2 FAD E . -7.31 14.92 -5.16
N3 FAD E . -5.80 14.60 -3.48
C4 FAD E . -4.54 14.16 -3.11
O4 FAD E . -4.20 14.22 -1.92
C4X FAD E . -3.67 13.63 -4.07
N5 FAD E . -2.41 13.19 -3.71
C5X FAD E . -1.54 12.66 -4.65
C6 FAD E . -0.29 12.22 -4.24
C7 FAD E . 0.60 11.69 -5.17
C7M FAD E . 1.95 11.22 -4.71
C8 FAD E . 0.21 11.61 -6.51
C8M FAD E . 1.16 11.06 -7.55
C9 FAD E . -1.05 12.06 -6.92
C9A FAD E . -1.93 12.59 -5.99
N10 FAD E . -3.19 13.04 -6.35
C10 FAD E . -4.06 13.56 -5.40
C1' FAD E . -3.74 12.69 -7.70
C2' FAD E . -4.67 11.48 -7.53
O2' FAD E . -4.11 10.58 -6.59
C3' FAD E . -4.93 10.78 -8.85
O3' FAD E . -5.55 11.68 -9.75
C4' FAD E . -5.83 9.57 -8.69
O4' FAD E . -5.64 8.98 -7.42
C5' FAD E . -5.53 8.54 -9.76
O5' FAD E . -6.20 7.34 -9.45
P FAD E . -7.09 6.60 -10.54
O1P FAD E . -8.15 5.76 -9.86
O2P FAD E . -7.71 7.59 -11.49
O3P FAD E . -6.04 5.60 -11.23
C1 MLI F . -2.02 18.22 -3.52
C2 MLI F . -1.16 17.68 -2.40
C3 MLI F . -2.38 17.15 -4.52
O6 MLI F . 0.06 17.53 -2.59
O7 MLI F . -1.70 17.40 -1.32
O8 MLI F . -1.57 16.24 -4.79
O9 MLI F . -3.49 17.24 -5.09
FE1 FES G . 5.78 1.45 -3.13
FE2 FES G . 8.31 0.20 -2.09
S1 FES G . 6.39 0.72 -1.18
S2 FES G . 7.57 0.64 -4.09
FE1 SF4 H . 1.56 -3.32 7.96
FE2 SF4 H . 4.01 -2.93 8.99
FE3 SF4 H . 2.95 -5.43 8.79
FE4 SF4 H . 3.80 -4.13 6.59
S1 SF4 H . 5.12 -4.83 8.31
S2 SF4 H . 1.81 -5.29 6.79
S3 SF4 H . 3.20 -1.95 7.08
S4 SF4 H . 2.17 -3.73 10.12
FE1 F3S I . 4.70 -11.18 15.96
FE3 F3S I . 4.72 -13.88 15.09
FE4 F3S I . 4.05 -13.17 17.11
S1 F3S I . 6.41 -12.47 15.38
S2 F3S I . 4.22 -11.22 18.12
S3 F3S I . 3.05 -12.47 15.28
S4 F3S I . 4.38 -15.29 16.77
CHA HEM J . 5.98 -22.20 28.37
CHB HEM J . 5.93 -19.55 32.41
CHC HEM J . 8.25 -23.08 34.70
CHD HEM J . 7.32 -26.07 30.99
C1A HEM J . 5.74 -21.19 29.27
C2A HEM J . 4.97 -19.98 29.00
C3A HEM J . 4.96 -19.25 30.12
C4A HEM J . 5.72 -19.97 31.11
CMA HEM J . 4.29 -17.87 30.34
CAA HEM J . 4.29 -19.64 27.65
CBA HEM J . 5.27 -18.98 26.68
CGA HEM J . 4.59 -18.58 25.38
O1A HEM J . 4.90 -19.20 24.33
O2A HEM J . 3.74 -17.64 25.41
C1B HEM J . 6.59 -20.24 33.38
C2B HEM J . 6.90 -19.76 34.71
C3B HEM J . 7.55 -20.74 35.34
C4B HEM J . 7.66 -21.87 34.44
CMB HEM J . 6.54 -18.37 35.29
CAB HEM J . 8.07 -20.69 36.78
CBB HEM J . 7.20 -20.86 37.77
C1C HEM J . 8.15 -24.23 33.93
C2C HEM J . 8.56 -25.57 34.31
C3C HEM J . 8.30 -26.38 33.28
C4C HEM J . 7.72 -25.59 32.21
CMC HEM J . 9.18 -25.98 35.66
CAC HEM J . 8.57 -27.91 33.24
CBC HEM J . 7.54 -28.76 33.36
C1D HEM J . 6.95 -25.31 29.90
C2D HEM J . 6.79 -25.80 28.55
C3D HEM J . 6.37 -24.59 27.72
C4D HEM J . 6.31 -23.50 28.67
CMD HEM J . 7.01 -27.25 28.04
CAD HEM J . 6.06 -24.55 26.21
CBD HEM J . 7.19 -23.87 25.43
CGD HEM J . 6.62 -22.95 24.39
O1D HEM J . 5.42 -23.07 24.04
O2D HEM J . 7.38 -22.08 23.88
NA HEM J . 6.17 -21.16 30.58
NB HEM J . 7.06 -21.53 33.25
NC HEM J . 7.65 -24.28 32.64
ND HEM J . 6.66 -23.96 29.93
FE HEM J . 6.89 -22.81 31.61
C1 EPH K . 17.34 -25.82 48.77
C2 EPH K . 16.39 -26.12 49.94
C4 EPH K . 17.00 -25.17 46.37
O2 EPH K . 16.66 -25.98 47.53
O4 EPH K . 18.03 -25.41 45.76
C18 EPH K . 16.09 -24.04 45.93
C19 EPH K . 15.49 -24.29 44.55
C20 EPH K . 14.11 -23.63 44.40
C21 EPH K . 14.19 -22.20 43.87
C22 EPH K . 13.48 -21.21 44.80
C23 EPH K . 14.48 -20.38 45.58
C24 EPH K . 13.78 -19.43 46.56
C25 EPH K . 14.34 -18.02 46.50
C26 EPH K . 13.24 -16.96 46.53
C27 EPH K . 13.17 -16.17 45.22
C28 EPH K . 11.83 -16.35 44.52
C29 EPH K . 11.94 -16.11 43.01
C30 EPH K . 11.41 -17.30 42.21
C31 EPH K . 12.52 -17.99 41.46
C37 EPH K . 17.24 -26.48 51.16
O5 EPH K . 16.45 -27.14 52.16
C3 EPH K . 14.09 -26.91 49.64
O1 EPH K . 15.52 -27.20 49.59
O3 EPH K . 13.46 -27.20 50.65
C5 EPH K . 13.38 -26.26 48.48
C6 EPH K . 12.59 -27.29 47.68
C7 EPH K . 11.52 -26.63 46.82
C8 EPH K . 11.91 -26.60 45.35
C9 EPH K . 11.00 -27.48 44.48
C10 EPH K . 11.09 -27.13 43.00
C11 EPH K . 11.26 -28.36 42.13
C12 EPH K . 10.79 -28.12 40.69
C13 EPH K . 11.94 -28.27 39.71
C14 EPH K . 11.61 -29.24 38.58
C15 EPH K . 12.71 -29.25 37.51
C16 EPH K . 13.39 -30.61 37.40
C17 EPH K . 14.66 -30.52 36.60
P1 EPH K . 15.78 -26.34 53.39
O6 EPH K . 16.92 -25.13 54.05
O7 EPH K . 14.43 -25.63 52.90
O8 EPH K . 15.46 -27.48 54.49
C38 EPH K . 14.18 -27.58 55.13
C39 EPH K . 14.05 -26.55 56.25
N1 EPH K . 13.16 -25.47 55.82
I N1M L . 6.45 -21.16 16.46
N N1M L . 10.79 -20.54 15.79
O N1M L . 9.27 -22.20 15.70
C1 N1M L . 7.88 -20.88 17.98
C2 N1M L . 9.33 -20.98 17.70
C3 N1M L . 10.24 -20.78 18.74
C4 N1M L . 9.77 -20.49 20.02
C5 N1M L . 8.41 -20.39 20.28
C6 N1M L . 7.46 -20.59 19.28
C7 N1M L . 9.81 -21.29 16.32
C8 N1M L . 12.11 -21.07 15.47
#